data_2K2A
#
_entry.id   2K2A
#
_entity_poly.entity_id   1
_entity_poly.type   'polypeptide(L)'
_entity_poly.pdbx_seq_one_letter_code
;MQQELREAFRLYDKEGNGYISTDVMREILAELDETLSSEDLDAMIDEIDADGSGTVDFEEFMGVMTGGDE
;
_entity_poly.pdbx_strand_id   A
#
# COMPACT_ATOMS: atom_id res chain seq x y z
N MET A 1 -18.68 -9.64 5.24
CA MET A 1 -17.84 -9.02 4.19
C MET A 1 -16.41 -8.85 4.69
N GLN A 2 -15.76 -9.97 4.98
CA GLN A 2 -14.38 -9.96 5.45
C GLN A 2 -13.43 -9.58 4.31
N GLN A 3 -13.88 -9.79 3.08
CA GLN A 3 -13.06 -9.49 1.92
C GLN A 3 -13.33 -8.09 1.40
N GLU A 4 -13.31 -7.14 2.31
CA GLU A 4 -13.38 -5.73 1.97
C GLU A 4 -11.98 -5.26 1.55
N LEU A 5 -11.74 -3.95 1.45
CA LEU A 5 -10.43 -3.44 1.05
C LEU A 5 -9.29 -3.98 1.94
N ARG A 6 -9.64 -4.43 3.13
CA ARG A 6 -8.66 -5.02 4.06
C ARG A 6 -8.15 -6.37 3.55
N GLU A 7 -8.85 -6.94 2.57
CA GLU A 7 -8.51 -8.27 2.03
C GLU A 7 -7.04 -8.35 1.63
N ALA A 8 -6.55 -7.33 0.96
CA ALA A 8 -5.17 -7.31 0.49
C ALA A 8 -4.22 -7.02 1.65
N PHE A 9 -4.60 -6.06 2.49
CA PHE A 9 -3.75 -5.63 3.58
C PHE A 9 -3.42 -6.78 4.53
N ARG A 10 -4.45 -7.54 4.92
CA ARG A 10 -4.30 -8.61 5.90
C ARG A 10 -3.34 -9.70 5.39
N LEU A 11 -3.23 -9.82 4.08
CA LEU A 11 -2.39 -10.85 3.49
C LEU A 11 -0.92 -10.51 3.64
N TYR A 12 -0.64 -9.24 3.86
CA TYR A 12 0.74 -8.78 3.91
C TYR A 12 1.21 -8.57 5.36
N ASP A 13 0.37 -8.96 6.32
CA ASP A 13 0.76 -8.92 7.72
C ASP A 13 1.62 -10.13 8.08
N LYS A 14 2.42 -10.58 7.13
CA LYS A 14 3.37 -11.66 7.37
C LYS A 14 4.55 -11.12 8.18
N GLU A 15 5.06 -9.98 7.74
CA GLU A 15 6.13 -9.28 8.43
C GLU A 15 5.60 -7.92 8.86
N GLY A 16 5.34 -7.78 10.15
CA GLY A 16 4.70 -6.59 10.65
C GLY A 16 3.21 -6.81 10.83
N ASN A 17 2.56 -5.97 11.60
CA ASN A 17 1.11 -6.10 11.84
C ASN A 17 0.46 -4.73 11.87
N GLY A 18 -0.34 -4.45 10.85
CA GLY A 18 -1.06 -3.19 10.80
C GLY A 18 -0.22 -2.07 10.20
N TYR A 19 1.09 -2.23 10.27
CA TYR A 19 2.02 -1.26 9.72
C TYR A 19 2.97 -1.95 8.76
N ILE A 20 2.50 -2.21 7.56
CA ILE A 20 3.29 -2.90 6.55
C ILE A 20 4.31 -1.96 5.94
N SER A 21 5.50 -2.50 5.69
CA SER A 21 6.57 -1.74 5.09
C SER A 21 6.19 -1.29 3.69
N THR A 22 6.61 -0.07 3.37
CA THR A 22 6.32 0.58 2.10
C THR A 22 6.73 -0.29 0.90
N ASP A 23 7.67 -1.19 1.15
CA ASP A 23 8.16 -2.14 0.15
C ASP A 23 6.99 -2.90 -0.48
N VAL A 24 6.14 -3.44 0.37
CA VAL A 24 5.07 -4.32 -0.06
C VAL A 24 4.00 -3.55 -0.82
N MET A 25 3.77 -2.31 -0.40
CA MET A 25 2.74 -1.47 -1.01
C MET A 25 3.07 -1.15 -2.46
N ARG A 26 4.36 -1.19 -2.78
CA ARG A 26 4.81 -1.03 -4.17
C ARG A 26 4.22 -2.14 -5.02
N GLU A 27 4.28 -3.36 -4.50
CA GLU A 27 3.77 -4.53 -5.20
C GLU A 27 2.25 -4.48 -5.26
N ILE A 28 1.64 -3.94 -4.20
CA ILE A 28 0.19 -3.75 -4.16
C ILE A 28 -0.28 -2.85 -5.29
N LEU A 29 0.41 -1.72 -5.45
CA LEU A 29 0.08 -0.76 -6.50
C LEU A 29 0.24 -1.39 -7.88
N ALA A 30 1.28 -2.20 -8.03
CA ALA A 30 1.55 -2.89 -9.28
C ALA A 30 0.43 -3.89 -9.61
N GLU A 31 -0.20 -4.40 -8.56
CA GLU A 31 -1.31 -5.34 -8.70
C GLU A 31 -2.61 -4.60 -8.99
N LEU A 32 -2.63 -3.31 -8.71
CA LEU A 32 -3.83 -2.51 -8.89
C LEU A 32 -3.84 -1.83 -10.25
N ASP A 33 -2.86 -0.99 -10.50
CA ASP A 33 -2.85 -0.19 -11.72
C ASP A 33 -2.23 -0.96 -12.88
N GLU A 34 -2.56 -0.54 -14.09
CA GLU A 34 -2.15 -1.26 -15.29
C GLU A 34 -1.23 -0.41 -16.16
N THR A 35 -1.32 0.91 -16.03
CA THR A 35 -0.61 1.81 -16.93
C THR A 35 0.72 2.29 -16.36
N LEU A 36 0.77 2.59 -15.06
CA LEU A 36 1.98 3.13 -14.46
C LEU A 36 3.00 2.02 -14.25
N SER A 37 4.27 2.39 -14.31
CA SER A 37 5.35 1.43 -14.18
C SER A 37 5.83 1.36 -12.74
N SER A 38 6.80 0.49 -12.47
CA SER A 38 7.29 0.32 -11.12
C SER A 38 7.94 1.60 -10.60
N GLU A 39 8.62 2.32 -11.49
CA GLU A 39 9.24 3.59 -11.12
C GLU A 39 8.17 4.60 -10.67
N ASP A 40 7.03 4.59 -11.36
CA ASP A 40 5.91 5.47 -11.02
C ASP A 40 5.42 5.17 -9.61
N LEU A 41 5.11 3.89 -9.38
CA LEU A 41 4.55 3.47 -8.10
C LEU A 41 5.59 3.62 -6.99
N ASP A 42 6.85 3.38 -7.32
CA ASP A 42 7.94 3.50 -6.36
C ASP A 42 8.08 4.96 -5.92
N ALA A 43 7.90 5.87 -6.85
CA ALA A 43 8.00 7.31 -6.56
C ALA A 43 6.84 7.77 -5.68
N MET A 44 5.69 7.14 -5.83
CA MET A 44 4.53 7.46 -4.99
C MET A 44 4.74 6.89 -3.58
N ILE A 45 5.37 5.75 -3.50
CA ILE A 45 5.72 5.15 -2.22
C ILE A 45 6.87 5.90 -1.58
N ASP A 46 7.73 6.44 -2.43
CA ASP A 46 8.89 7.22 -2.02
C ASP A 46 8.47 8.45 -1.19
N GLU A 47 7.25 8.92 -1.44
CA GLU A 47 6.75 10.12 -0.76
C GLU A 47 5.68 9.81 0.28
N ILE A 48 5.38 8.52 0.50
CA ILE A 48 4.29 8.15 1.41
C ILE A 48 4.84 7.61 2.73
N ASP A 49 6.07 7.11 2.69
CA ASP A 49 6.73 6.51 3.87
C ASP A 49 6.51 7.32 5.15
N ALA A 50 5.97 6.65 6.15
CA ALA A 50 5.66 7.28 7.43
C ALA A 50 6.85 7.20 8.39
N ASP A 51 8.03 6.84 7.85
CA ASP A 51 9.29 6.91 8.59
C ASP A 51 9.44 5.76 9.59
N GLY A 52 8.43 4.92 9.70
CA GLY A 52 8.48 3.84 10.66
C GLY A 52 9.23 2.65 10.10
N SER A 53 10.51 2.84 9.83
CA SER A 53 11.34 1.83 9.17
C SER A 53 10.85 1.62 7.74
N GLY A 54 10.22 2.64 7.19
CA GLY A 54 9.64 2.53 5.86
C GLY A 54 8.30 1.84 5.89
N THR A 55 7.29 2.50 6.46
CA THR A 55 5.98 1.88 6.64
C THR A 55 4.84 2.79 6.22
N VAL A 56 3.68 2.19 6.01
CA VAL A 56 2.46 2.91 5.68
C VAL A 56 1.41 2.63 6.74
N ASP A 57 0.70 3.68 7.18
CA ASP A 57 -0.35 3.51 8.18
C ASP A 57 -1.65 3.08 7.52
N PHE A 58 -2.68 2.83 8.32
CA PHE A 58 -3.93 2.28 7.81
C PHE A 58 -4.61 3.25 6.85
N GLU A 59 -4.90 4.46 7.33
CA GLU A 59 -5.61 5.44 6.51
C GLU A 59 -4.74 5.91 5.35
N GLU A 60 -3.43 5.90 5.55
CA GLU A 60 -2.50 6.27 4.48
C GLU A 60 -2.61 5.28 3.33
N PHE A 61 -2.72 4.00 3.68
CA PHE A 61 -2.98 2.96 2.70
C PHE A 61 -4.35 3.17 2.05
N MET A 62 -5.36 3.37 2.89
CA MET A 62 -6.73 3.55 2.43
C MET A 62 -6.84 4.71 1.43
N GLY A 63 -6.31 5.86 1.80
CA GLY A 63 -6.41 7.05 0.97
C GLY A 63 -5.81 6.87 -0.41
N VAL A 64 -4.65 6.24 -0.46
CA VAL A 64 -3.96 6.05 -1.74
C VAL A 64 -4.58 4.91 -2.54
N MET A 65 -4.96 3.84 -1.85
CA MET A 65 -5.49 2.65 -2.51
C MET A 65 -6.88 2.91 -3.11
N THR A 66 -7.56 3.93 -2.60
CA THR A 66 -8.88 4.28 -3.12
C THR A 66 -8.77 5.31 -4.24
N GLY A 67 -7.56 5.47 -4.78
CA GLY A 67 -7.36 6.38 -5.87
C GLY A 67 -6.85 7.72 -5.42
N GLY A 68 -7.45 8.26 -4.36
CA GLY A 68 -7.03 9.53 -3.84
C GLY A 68 -8.01 10.10 -2.83
N ASP A 69 -8.23 9.36 -1.75
CA ASP A 69 -9.08 9.85 -0.67
C ASP A 69 -8.30 10.77 0.24
N GLU A 70 -8.40 12.06 -0.04
CA GLU A 70 -7.66 13.07 0.70
C GLU A 70 -8.28 13.32 2.06
N MET A 1 -13.10 -0.87 -3.49
CA MET A 1 -13.45 -1.69 -2.30
C MET A 1 -14.32 -2.86 -2.73
N GLN A 2 -13.69 -3.94 -3.15
CA GLN A 2 -14.41 -5.11 -3.63
C GLN A 2 -14.72 -6.05 -2.46
N GLN A 3 -13.67 -6.55 -1.82
CA GLN A 3 -13.81 -7.45 -0.69
C GLN A 3 -13.14 -6.84 0.53
N GLU A 4 -13.58 -5.64 0.88
CA GLU A 4 -12.95 -4.87 1.96
C GLU A 4 -11.52 -4.49 1.57
N LEU A 5 -10.84 -3.76 2.43
CA LEU A 5 -9.47 -3.36 2.16
C LEU A 5 -8.50 -4.23 2.94
N ARG A 6 -9.04 -5.14 3.73
CA ARG A 6 -8.23 -5.96 4.63
C ARG A 6 -7.59 -7.15 3.91
N GLU A 7 -8.31 -7.71 2.94
CA GLU A 7 -7.86 -8.94 2.27
C GLU A 7 -6.44 -8.81 1.72
N ALA A 8 -6.17 -7.68 1.07
CA ALA A 8 -4.84 -7.42 0.50
C ALA A 8 -3.77 -7.37 1.59
N PHE A 9 -4.12 -6.74 2.71
CA PHE A 9 -3.18 -6.61 3.82
C PHE A 9 -2.97 -7.95 4.51
N ARG A 10 -4.07 -8.68 4.71
CA ARG A 10 -4.05 -9.93 5.48
C ARG A 10 -3.04 -10.95 4.94
N LEU A 11 -2.84 -10.96 3.63
CA LEU A 11 -1.91 -11.91 3.02
C LEU A 11 -0.46 -11.55 3.32
N TYR A 12 -0.17 -10.26 3.27
CA TYR A 12 1.19 -9.76 3.49
C TYR A 12 1.32 -9.19 4.89
N ASP A 13 0.35 -9.54 5.73
CA ASP A 13 0.21 -8.99 7.07
C ASP A 13 1.39 -9.31 7.98
N LYS A 14 2.22 -8.30 8.18
CA LYS A 14 3.28 -8.35 9.18
C LYS A 14 2.74 -8.03 10.58
N GLU A 15 1.45 -7.69 10.65
CA GLU A 15 0.84 -7.07 11.82
C GLU A 15 0.96 -7.86 13.12
N GLY A 16 2.15 -7.79 13.69
CA GLY A 16 2.36 -8.02 15.10
C GLY A 16 2.97 -6.76 15.66
N ASN A 17 2.26 -5.65 15.41
CA ASN A 17 2.83 -4.30 15.47
C ASN A 17 3.86 -4.21 14.35
N GLY A 18 3.44 -4.63 13.17
CA GLY A 18 4.37 -4.85 12.07
C GLY A 18 4.28 -3.81 10.98
N TYR A 19 3.05 -3.39 10.68
CA TYR A 19 2.80 -2.53 9.51
C TYR A 19 3.24 -3.25 8.23
N ILE A 20 3.25 -2.55 7.11
CA ILE A 20 3.77 -3.13 5.87
C ILE A 20 4.71 -2.15 5.19
N SER A 21 5.77 -2.68 4.60
CA SER A 21 6.77 -1.86 3.96
C SER A 21 6.23 -1.23 2.68
N THR A 22 6.64 0.01 2.46
CA THR A 22 6.26 0.77 1.26
C THR A 22 6.70 0.05 0.00
N ASP A 23 7.82 -0.66 0.10
CA ASP A 23 8.29 -1.51 -0.99
C ASP A 23 7.25 -2.56 -1.34
N VAL A 24 6.70 -3.20 -0.30
CA VAL A 24 5.65 -4.19 -0.46
C VAL A 24 4.40 -3.54 -1.06
N MET A 25 4.07 -2.36 -0.55
CA MET A 25 2.91 -1.59 -1.03
C MET A 25 2.99 -1.39 -2.54
N ARG A 26 4.20 -1.17 -3.04
CA ARG A 26 4.41 -1.02 -4.48
C ARG A 26 3.98 -2.29 -5.21
N GLU A 27 4.42 -3.44 -4.71
CA GLU A 27 4.08 -4.71 -5.33
C GLU A 27 2.57 -4.99 -5.19
N ILE A 28 2.03 -4.72 -4.01
CA ILE A 28 0.60 -4.91 -3.74
C ILE A 28 -0.26 -4.10 -4.70
N LEU A 29 0.16 -2.88 -4.99
CA LEU A 29 -0.60 -2.03 -5.88
C LEU A 29 -0.33 -2.38 -7.35
N ALA A 30 0.88 -2.87 -7.61
CA ALA A 30 1.27 -3.22 -8.98
C ALA A 30 0.68 -4.56 -9.40
N GLU A 31 0.32 -5.38 -8.43
CA GLU A 31 -0.39 -6.61 -8.73
C GLU A 31 -1.88 -6.29 -8.87
N LEU A 32 -2.31 -5.22 -8.22
CA LEU A 32 -3.69 -4.76 -8.30
C LEU A 32 -3.94 -4.12 -9.66
N ASP A 33 -3.14 -3.13 -10.02
CA ASP A 33 -3.28 -2.47 -11.30
C ASP A 33 -2.13 -2.87 -12.24
N GLU A 34 -2.44 -3.05 -13.50
CA GLU A 34 -1.48 -3.57 -14.45
C GLU A 34 -0.84 -2.46 -15.29
N THR A 35 -1.37 -1.24 -15.17
CA THR A 35 -0.90 -0.15 -16.01
C THR A 35 0.01 0.82 -15.26
N LEU A 36 0.00 0.76 -13.95
CA LEU A 36 0.88 1.59 -13.13
C LEU A 36 2.28 0.99 -13.10
N SER A 37 3.25 1.73 -13.62
CA SER A 37 4.62 1.25 -13.68
C SER A 37 5.32 1.45 -12.35
N SER A 38 6.34 0.64 -12.10
CA SER A 38 7.06 0.66 -10.83
C SER A 38 7.68 2.04 -10.59
N GLU A 39 8.07 2.70 -11.68
CA GLU A 39 8.61 4.06 -11.62
C GLU A 39 7.60 5.02 -10.99
N ASP A 40 6.37 4.97 -11.50
CA ASP A 40 5.28 5.80 -10.98
C ASP A 40 5.03 5.54 -9.51
N LEU A 41 5.21 4.28 -9.11
CA LEU A 41 4.92 3.88 -7.75
C LEU A 41 5.91 4.50 -6.77
N ASP A 42 7.11 4.79 -7.25
CA ASP A 42 8.13 5.44 -6.43
C ASP A 42 7.69 6.85 -6.09
N ALA A 43 7.17 7.56 -7.10
CA ALA A 43 6.67 8.92 -6.91
C ALA A 43 5.50 8.93 -5.92
N MET A 44 4.75 7.83 -5.90
CA MET A 44 3.66 7.66 -4.96
C MET A 44 4.22 7.48 -3.55
N ILE A 45 5.12 6.52 -3.41
CA ILE A 45 5.73 6.21 -2.11
C ILE A 45 6.45 7.44 -1.55
N ASP A 46 6.99 8.26 -2.44
CA ASP A 46 7.64 9.52 -2.05
C ASP A 46 6.70 10.40 -1.23
N GLU A 47 5.40 10.23 -1.44
CA GLU A 47 4.39 11.04 -0.78
C GLU A 47 3.59 10.21 0.23
N ILE A 48 4.06 8.99 0.50
CA ILE A 48 3.31 8.07 1.37
C ILE A 48 4.18 7.51 2.50
N ASP A 49 5.45 7.23 2.19
CA ASP A 49 6.37 6.55 3.12
C ASP A 49 6.37 7.21 4.48
N ALA A 50 6.14 6.40 5.52
CA ALA A 50 6.05 6.91 6.89
C ALA A 50 7.39 6.86 7.61
N ASP A 51 8.48 6.70 6.84
CA ASP A 51 9.85 6.88 7.35
C ASP A 51 10.36 5.65 8.10
N GLY A 52 9.45 4.79 8.53
CA GLY A 52 9.84 3.65 9.34
C GLY A 52 10.38 2.52 8.50
N SER A 53 11.64 2.67 8.08
CA SER A 53 12.31 1.74 7.15
C SER A 53 11.43 1.55 5.91
N GLY A 54 10.68 2.59 5.58
CA GLY A 54 9.74 2.49 4.49
C GLY A 54 8.51 1.73 4.90
N THR A 55 7.69 2.34 5.77
CA THR A 55 6.49 1.66 6.24
C THR A 55 5.21 2.39 5.86
N VAL A 56 4.15 1.63 5.69
CA VAL A 56 2.81 2.16 5.50
C VAL A 56 1.92 1.68 6.65
N ASP A 57 1.39 2.62 7.41
CA ASP A 57 0.49 2.28 8.51
C ASP A 57 -0.83 1.76 7.96
N PHE A 58 -1.50 0.95 8.77
CA PHE A 58 -2.81 0.42 8.41
C PHE A 58 -3.85 1.53 8.33
N GLU A 59 -3.49 2.70 8.84
CA GLU A 59 -4.33 3.89 8.74
C GLU A 59 -4.20 4.51 7.35
N GLU A 60 -2.98 4.51 6.84
CA GLU A 60 -2.70 5.08 5.53
C GLU A 60 -3.13 4.09 4.45
N PHE A 61 -3.06 2.82 4.79
CA PHE A 61 -3.54 1.76 3.90
C PHE A 61 -5.07 1.76 3.89
N MET A 62 -5.62 2.83 3.35
CA MET A 62 -7.06 2.98 3.23
C MET A 62 -7.37 4.09 2.23
N GLY A 63 -7.08 5.34 2.63
CA GLY A 63 -7.42 6.48 1.82
C GLY A 63 -6.63 6.55 0.53
N VAL A 64 -5.44 5.96 0.54
CA VAL A 64 -4.59 5.94 -0.65
C VAL A 64 -5.25 5.20 -1.81
N MET A 65 -5.99 4.13 -1.49
CA MET A 65 -6.58 3.30 -2.53
C MET A 65 -8.03 3.66 -2.79
N THR A 66 -8.64 4.40 -1.87
CA THR A 66 -10.02 4.85 -2.03
C THR A 66 -10.05 6.34 -2.36
N GLY A 67 -9.48 6.69 -3.51
CA GLY A 67 -9.39 8.09 -3.89
C GLY A 67 -10.70 8.63 -4.44
N GLY A 68 -10.84 8.60 -5.76
CA GLY A 68 -12.05 9.11 -6.38
C GLY A 68 -13.13 8.05 -6.47
N ASP A 69 -12.77 6.82 -6.11
CA ASP A 69 -13.71 5.70 -6.16
C ASP A 69 -14.33 5.45 -4.80
N GLU A 70 -15.26 4.49 -4.75
CA GLU A 70 -15.96 4.18 -3.52
C GLU A 70 -15.92 2.68 -3.26
N MET A 1 -16.15 0.60 -1.49
CA MET A 1 -14.85 0.17 -0.90
C MET A 1 -14.84 -1.33 -0.70
N GLN A 2 -14.25 -2.04 -1.64
CA GLN A 2 -14.20 -3.49 -1.58
C GLN A 2 -13.10 -3.96 -0.64
N GLN A 3 -13.27 -5.18 -0.13
CA GLN A 3 -12.41 -5.71 0.91
C GLN A 3 -11.08 -6.24 0.37
N GLU A 4 -10.84 -6.00 -0.92
CA GLU A 4 -9.62 -6.45 -1.58
C GLU A 4 -8.38 -5.94 -0.84
N LEU A 5 -8.44 -4.68 -0.42
CA LEU A 5 -7.32 -4.04 0.25
C LEU A 5 -7.04 -4.71 1.59
N ARG A 6 -8.09 -4.98 2.34
CA ARG A 6 -7.93 -5.56 3.67
C ARG A 6 -7.44 -7.00 3.59
N GLU A 7 -7.95 -7.75 2.61
CA GLU A 7 -7.51 -9.13 2.42
C GLU A 7 -6.06 -9.19 1.95
N ALA A 8 -5.70 -8.32 1.02
CA ALA A 8 -4.33 -8.24 0.54
C ALA A 8 -3.38 -7.88 1.67
N PHE A 9 -3.83 -6.97 2.53
CA PHE A 9 -3.03 -6.52 3.67
C PHE A 9 -2.68 -7.70 4.58
N ARG A 10 -3.67 -8.55 4.82
CA ARG A 10 -3.51 -9.68 5.74
C ARG A 10 -2.44 -10.66 5.24
N LEU A 11 -2.37 -10.87 3.94
CA LEU A 11 -1.44 -11.83 3.38
C LEU A 11 -0.10 -11.18 3.05
N TYR A 12 -0.06 -9.85 3.03
CA TYR A 12 1.18 -9.13 2.74
C TYR A 12 1.98 -8.85 4.01
N ASP A 13 1.29 -8.78 5.13
CA ASP A 13 1.97 -8.64 6.40
C ASP A 13 2.20 -10.03 7.00
N LYS A 14 3.31 -10.64 6.61
CA LYS A 14 3.63 -12.02 6.98
C LYS A 14 3.75 -12.17 8.50
N GLU A 15 4.24 -11.14 9.16
CA GLU A 15 4.50 -11.20 10.59
C GLU A 15 3.25 -10.88 11.40
N GLY A 16 2.46 -9.94 10.90
CA GLY A 16 1.28 -9.51 11.63
C GLY A 16 1.59 -8.33 12.51
N ASN A 17 2.14 -7.29 11.92
CA ASN A 17 2.54 -6.10 12.65
C ASN A 17 1.41 -5.08 12.63
N GLY A 18 0.70 -5.04 11.52
CA GLY A 18 -0.33 -4.03 11.33
C GLY A 18 0.19 -2.87 10.52
N TYR A 19 1.43 -3.01 10.05
CA TYR A 19 2.09 -1.98 9.28
C TYR A 19 2.79 -2.62 8.10
N ILE A 20 2.84 -1.94 6.97
CA ILE A 20 3.53 -2.45 5.80
C ILE A 20 4.59 -1.48 5.33
N SER A 21 5.72 -2.04 4.92
CA SER A 21 6.80 -1.25 4.38
C SER A 21 6.38 -0.64 3.04
N THR A 22 6.85 0.56 2.79
CA THR A 22 6.59 1.27 1.55
C THR A 22 7.06 0.48 0.34
N ASP A 23 8.08 -0.36 0.53
CA ASP A 23 8.55 -1.25 -0.53
C ASP A 23 7.51 -2.33 -0.79
N VAL A 24 6.85 -2.78 0.27
CA VAL A 24 5.77 -3.75 0.15
C VAL A 24 4.60 -3.12 -0.59
N MET A 25 4.32 -1.86 -0.24
CA MET A 25 3.26 -1.08 -0.88
C MET A 25 3.47 -1.04 -2.40
N ARG A 26 4.73 -0.99 -2.81
CA ARG A 26 5.07 -1.01 -4.23
C ARG A 26 4.47 -2.24 -4.92
N GLU A 27 4.76 -3.41 -4.36
CA GLU A 27 4.29 -4.65 -4.95
C GLU A 27 2.78 -4.76 -4.85
N ILE A 28 2.22 -4.27 -3.75
CA ILE A 28 0.77 -4.27 -3.56
C ILE A 28 0.07 -3.52 -4.68
N LEU A 29 0.63 -2.37 -5.05
CA LEU A 29 0.10 -1.57 -6.15
C LEU A 29 0.20 -2.35 -7.47
N ALA A 30 1.34 -3.01 -7.66
CA ALA A 30 1.58 -3.79 -8.89
C ALA A 30 0.67 -5.02 -8.95
N GLU A 31 0.29 -5.54 -7.80
CA GLU A 31 -0.60 -6.68 -7.72
C GLU A 31 -2.06 -6.24 -7.74
N LEU A 32 -2.26 -4.92 -7.70
CA LEU A 32 -3.59 -4.37 -7.76
C LEU A 32 -3.98 -4.14 -9.22
N ASP A 33 -3.10 -3.48 -9.96
CA ASP A 33 -3.35 -3.17 -11.35
C ASP A 33 -2.16 -3.57 -12.24
N GLU A 34 -2.47 -3.96 -13.47
CA GLU A 34 -1.45 -4.45 -14.38
C GLU A 34 -0.96 -3.35 -15.31
N THR A 35 -1.76 -2.30 -15.50
CA THR A 35 -1.42 -1.26 -16.47
C THR A 35 -0.45 -0.23 -15.90
N LEU A 36 -0.36 -0.15 -14.57
CA LEU A 36 0.64 0.72 -13.96
C LEU A 36 2.01 0.06 -14.01
N SER A 37 3.06 0.86 -14.04
CA SER A 37 4.41 0.36 -14.20
C SER A 37 5.18 0.45 -12.88
N SER A 38 6.41 -0.04 -12.89
CA SER A 38 7.26 0.03 -11.72
C SER A 38 7.69 1.47 -11.44
N GLU A 39 7.70 2.28 -12.49
CA GLU A 39 8.00 3.70 -12.34
C GLU A 39 6.95 4.35 -11.43
N ASP A 40 5.70 3.95 -11.60
CA ASP A 40 4.61 4.44 -10.76
C ASP A 40 4.86 4.08 -9.31
N LEU A 41 5.38 2.88 -9.08
CA LEU A 41 5.69 2.40 -7.74
C LEU A 41 6.65 3.37 -7.05
N ASP A 42 7.66 3.79 -7.80
CA ASP A 42 8.66 4.73 -7.31
C ASP A 42 8.04 6.10 -7.03
N ALA A 43 7.26 6.57 -7.99
CA ALA A 43 6.62 7.88 -7.91
C ALA A 43 5.64 7.95 -6.73
N MET A 44 4.83 6.90 -6.57
CA MET A 44 3.85 6.84 -5.49
C MET A 44 4.51 6.99 -4.13
N ILE A 45 5.47 6.12 -3.85
CA ILE A 45 6.10 6.08 -2.54
C ILE A 45 6.79 7.40 -2.21
N ASP A 46 7.36 8.03 -3.23
CA ASP A 46 8.09 9.28 -3.09
C ASP A 46 7.27 10.39 -2.43
N GLU A 47 5.95 10.34 -2.56
CA GLU A 47 5.09 11.39 -2.03
C GLU A 47 4.15 10.86 -0.96
N ILE A 48 4.37 9.64 -0.53
CA ILE A 48 3.56 9.04 0.51
C ILE A 48 4.40 8.73 1.74
N ASP A 49 5.29 7.74 1.61
CA ASP A 49 6.05 7.21 2.75
C ASP A 49 5.13 6.94 3.94
N ALA A 50 5.63 7.15 5.15
CA ALA A 50 4.83 6.99 6.35
C ALA A 50 5.50 7.63 7.56
N ASP A 51 6.34 6.87 8.27
CA ASP A 51 7.01 7.39 9.46
C ASP A 51 8.22 6.52 9.83
N GLY A 52 7.97 5.25 10.11
CA GLY A 52 9.03 4.41 10.63
C GLY A 52 9.76 3.65 9.54
N SER A 53 10.54 4.39 8.75
CA SER A 53 11.22 3.83 7.59
C SER A 53 10.19 3.31 6.59
N GLY A 54 9.07 4.02 6.49
CA GLY A 54 8.03 3.67 5.56
C GLY A 54 7.07 2.62 6.10
N THR A 55 6.63 2.80 7.35
CA THR A 55 5.66 1.89 7.94
C THR A 55 4.24 2.37 7.69
N VAL A 56 3.67 1.96 6.57
CA VAL A 56 2.31 2.35 6.23
C VAL A 56 1.32 1.49 7.01
N ASP A 57 0.62 2.10 7.95
CA ASP A 57 -0.31 1.36 8.78
C ASP A 57 -1.67 1.24 8.11
N PHE A 58 -2.59 0.54 8.73
CA PHE A 58 -3.91 0.29 8.14
C PHE A 58 -4.66 1.59 7.89
N GLU A 59 -4.56 2.53 8.83
CA GLU A 59 -5.27 3.80 8.72
C GLU A 59 -4.73 4.59 7.55
N GLU A 60 -3.40 4.70 7.49
CA GLU A 60 -2.73 5.41 6.41
C GLU A 60 -3.04 4.78 5.07
N PHE A 61 -2.84 3.46 4.99
CA PHE A 61 -3.08 2.70 3.76
C PHE A 61 -4.50 2.89 3.26
N MET A 62 -5.46 2.87 4.17
CA MET A 62 -6.86 3.06 3.81
C MET A 62 -7.12 4.49 3.34
N GLY A 63 -6.73 5.44 4.17
CA GLY A 63 -7.02 6.84 3.89
C GLY A 63 -6.39 7.35 2.61
N VAL A 64 -5.15 6.96 2.36
CA VAL A 64 -4.41 7.45 1.21
C VAL A 64 -5.02 6.95 -0.11
N MET A 65 -5.70 5.82 -0.06
CA MET A 65 -6.23 5.22 -1.28
C MET A 65 -7.72 5.49 -1.45
N THR A 66 -8.50 5.35 -0.38
CA THR A 66 -9.94 5.56 -0.46
C THR A 66 -10.27 7.06 -0.58
N GLY A 67 -9.27 7.89 -0.34
CA GLY A 67 -9.43 9.31 -0.54
C GLY A 67 -8.81 9.75 -1.85
N GLY A 68 -9.47 9.42 -2.96
CA GLY A 68 -8.94 9.77 -4.26
C GLY A 68 -9.27 8.72 -5.32
N ASP A 69 -9.91 7.64 -4.91
CA ASP A 69 -10.30 6.59 -5.84
C ASP A 69 -11.48 7.06 -6.67
N GLU A 70 -11.63 6.49 -7.86
CA GLU A 70 -12.65 6.91 -8.81
C GLU A 70 -13.54 5.73 -9.16
N MET A 1 -18.74 -1.48 -4.18
CA MET A 1 -18.95 -2.81 -3.56
C MET A 1 -17.94 -3.04 -2.45
N GLN A 2 -18.30 -3.86 -1.48
CA GLN A 2 -17.45 -4.12 -0.33
C GLN A 2 -16.44 -5.22 -0.62
N GLN A 3 -15.18 -4.81 -0.68
CA GLN A 3 -14.07 -5.72 -0.94
C GLN A 3 -12.93 -5.38 0.01
N GLU A 4 -13.14 -5.75 1.27
CA GLU A 4 -12.21 -5.50 2.37
C GLU A 4 -10.74 -5.54 1.94
N LEU A 5 -10.17 -4.35 1.79
CA LEU A 5 -8.75 -4.20 1.44
C LEU A 5 -7.90 -4.67 2.62
N ARG A 6 -8.49 -4.69 3.80
CA ARG A 6 -7.82 -5.15 5.00
C ARG A 6 -7.38 -6.60 4.84
N GLU A 7 -8.11 -7.36 4.02
CA GLU A 7 -7.80 -8.76 3.81
C GLU A 7 -6.41 -8.92 3.20
N ALA A 8 -6.16 -8.14 2.14
CA ALA A 8 -4.86 -8.15 1.48
C ALA A 8 -3.78 -7.65 2.43
N PHE A 9 -4.14 -6.68 3.26
CA PHE A 9 -3.22 -6.15 4.26
C PHE A 9 -2.89 -7.21 5.31
N ARG A 10 -3.91 -7.94 5.75
CA ARG A 10 -3.75 -9.00 6.75
C ARG A 10 -2.70 -10.01 6.32
N LEU A 11 -2.66 -10.30 5.03
CA LEU A 11 -1.71 -11.25 4.48
C LEU A 11 -0.28 -10.81 4.77
N TYR A 12 0.02 -9.55 4.47
CA TYR A 12 1.37 -9.02 4.67
C TYR A 12 1.59 -8.60 6.11
N ASP A 13 0.50 -8.29 6.80
CA ASP A 13 0.53 -8.03 8.24
C ASP A 13 1.00 -9.29 8.97
N LYS A 14 0.52 -10.42 8.48
CA LYS A 14 0.91 -11.72 9.00
C LYS A 14 2.35 -12.05 8.63
N GLU A 15 2.84 -11.46 7.54
CA GLU A 15 4.19 -11.69 7.09
C GLU A 15 5.19 -10.85 7.87
N GLY A 16 4.70 -9.80 8.53
CA GLY A 16 5.59 -8.94 9.27
C GLY A 16 4.92 -8.31 10.47
N ASN A 17 4.67 -7.01 10.39
CA ASN A 17 4.07 -6.27 11.49
C ASN A 17 2.83 -5.53 11.00
N GLY A 18 2.27 -4.68 11.87
CA GLY A 18 1.14 -3.87 11.47
C GLY A 18 1.55 -2.66 10.65
N TYR A 19 2.85 -2.55 10.41
CA TYR A 19 3.39 -1.50 9.56
C TYR A 19 4.18 -2.13 8.43
N ILE A 20 3.69 -2.00 7.21
CA ILE A 20 4.32 -2.63 6.07
C ILE A 20 5.33 -1.71 5.42
N SER A 21 6.43 -2.30 4.98
CA SER A 21 7.47 -1.57 4.28
C SER A 21 6.95 -1.13 2.92
N THR A 22 7.27 0.10 2.56
CA THR A 22 6.78 0.72 1.33
C THR A 22 7.22 -0.05 0.09
N ASP A 23 8.29 -0.81 0.20
CA ASP A 23 8.74 -1.69 -0.88
C ASP A 23 7.63 -2.69 -1.22
N VAL A 24 7.05 -3.27 -0.18
CA VAL A 24 6.00 -4.26 -0.33
C VAL A 24 4.75 -3.64 -0.95
N MET A 25 4.45 -2.41 -0.56
CA MET A 25 3.26 -1.71 -1.04
C MET A 25 3.30 -1.55 -2.55
N ARG A 26 4.50 -1.31 -3.10
CA ARG A 26 4.67 -1.24 -4.54
C ARG A 26 4.36 -2.59 -5.16
N GLU A 27 4.90 -3.64 -4.56
CA GLU A 27 4.69 -5.01 -5.04
C GLU A 27 3.20 -5.35 -5.08
N ILE A 28 2.48 -4.90 -4.07
CA ILE A 28 1.04 -5.14 -3.98
C ILE A 28 0.28 -4.39 -5.08
N LEU A 29 0.45 -3.08 -5.11
CA LEU A 29 -0.37 -2.23 -5.98
C LEU A 29 0.03 -2.38 -7.45
N ALA A 30 1.26 -2.83 -7.70
CA ALA A 30 1.71 -3.07 -9.08
C ALA A 30 0.93 -4.22 -9.70
N GLU A 31 0.49 -5.14 -8.85
CA GLU A 31 -0.28 -6.29 -9.31
C GLU A 31 -1.74 -5.89 -9.54
N LEU A 32 -2.15 -4.82 -8.87
CA LEU A 32 -3.52 -4.34 -8.95
C LEU A 32 -3.82 -3.81 -10.35
N ASP A 33 -2.97 -2.92 -10.83
CA ASP A 33 -3.15 -2.33 -12.15
C ASP A 33 -2.37 -3.13 -13.18
N GLU A 34 -2.77 -2.98 -14.44
CA GLU A 34 -2.23 -3.77 -15.53
C GLU A 34 -0.85 -3.29 -15.98
N THR A 35 -0.52 -2.02 -15.78
CA THR A 35 0.72 -1.49 -16.32
C THR A 35 1.33 -0.38 -15.47
N LEU A 36 1.05 -0.36 -14.17
CA LEU A 36 1.71 0.59 -13.29
C LEU A 36 3.15 0.15 -13.01
N SER A 37 4.09 0.94 -13.49
CA SER A 37 5.50 0.61 -13.38
C SER A 37 6.05 0.98 -12.01
N SER A 38 7.15 0.34 -11.61
CA SER A 38 7.72 0.56 -10.29
C SER A 38 7.97 2.04 -10.01
N GLU A 39 8.56 2.73 -11.00
CA GLU A 39 8.87 4.15 -10.85
C GLU A 39 7.62 4.97 -10.53
N ASP A 40 6.53 4.68 -11.23
CA ASP A 40 5.26 5.38 -11.02
C ASP A 40 4.77 5.18 -9.60
N LEU A 41 5.00 3.99 -9.08
CA LEU A 41 4.54 3.65 -7.74
C LEU A 41 5.41 4.32 -6.69
N ASP A 42 6.72 4.24 -6.90
CA ASP A 42 7.69 4.76 -5.96
C ASP A 42 7.56 6.27 -5.83
N ALA A 43 7.21 6.92 -6.94
CA ALA A 43 7.00 8.37 -6.94
C ALA A 43 5.84 8.76 -6.04
N MET A 44 4.85 7.88 -5.94
CA MET A 44 3.72 8.08 -5.06
C MET A 44 4.07 7.65 -3.64
N ILE A 45 4.91 6.63 -3.54
CA ILE A 45 5.40 6.14 -2.26
C ILE A 45 6.15 7.23 -1.50
N ASP A 46 6.90 8.04 -2.25
CA ASP A 46 7.66 9.15 -1.70
C ASP A 46 6.77 10.11 -0.90
N GLU A 47 5.52 10.23 -1.33
CA GLU A 47 4.57 11.13 -0.68
C GLU A 47 4.00 10.47 0.58
N ILE A 48 3.95 9.15 0.59
CA ILE A 48 3.36 8.39 1.68
C ILE A 48 4.39 8.16 2.80
N ASP A 49 5.62 7.86 2.41
CA ASP A 49 6.68 7.59 3.37
C ASP A 49 7.03 8.84 4.18
N ALA A 50 6.82 8.72 5.48
CA ALA A 50 7.21 9.77 6.41
C ALA A 50 7.34 9.20 7.82
N ASP A 51 7.51 7.88 7.92
CA ASP A 51 7.56 7.26 9.24
C ASP A 51 8.92 6.59 9.49
N GLY A 52 9.00 5.28 9.32
CA GLY A 52 10.24 4.57 9.57
C GLY A 52 10.89 4.11 8.29
N SER A 53 11.44 5.05 7.53
CA SER A 53 12.10 4.77 6.26
C SER A 53 11.12 4.22 5.23
N GLY A 54 9.83 4.35 5.53
CA GLY A 54 8.81 3.85 4.64
C GLY A 54 7.96 2.79 5.30
N THR A 55 7.12 3.20 6.24
CA THR A 55 6.22 2.28 6.89
C THR A 55 4.77 2.75 6.78
N VAL A 56 3.93 1.90 6.21
CA VAL A 56 2.52 2.24 6.05
C VAL A 56 1.67 1.36 6.97
N ASP A 57 0.71 1.96 7.65
CA ASP A 57 -0.18 1.22 8.54
C ASP A 57 -1.47 0.84 7.80
N PHE A 58 -2.42 0.27 8.54
CA PHE A 58 -3.64 -0.25 7.92
C PHE A 58 -4.53 0.84 7.33
N GLU A 59 -4.79 1.91 8.09
CA GLU A 59 -5.74 2.92 7.66
C GLU A 59 -5.09 3.93 6.72
N GLU A 60 -3.77 4.05 6.79
CA GLU A 60 -3.05 4.87 5.84
C GLU A 60 -3.21 4.25 4.44
N PHE A 61 -3.13 2.93 4.40
CA PHE A 61 -3.36 2.17 3.18
C PHE A 61 -4.79 2.39 2.70
N MET A 62 -5.72 2.42 3.65
CA MET A 62 -7.13 2.66 3.35
C MET A 62 -7.33 4.03 2.74
N GLY A 63 -6.81 5.06 3.43
CA GLY A 63 -6.98 6.43 2.99
C GLY A 63 -6.52 6.65 1.56
N VAL A 64 -5.40 6.05 1.19
CA VAL A 64 -4.88 6.16 -0.17
C VAL A 64 -5.80 5.48 -1.17
N MET A 65 -6.16 4.24 -0.88
CA MET A 65 -6.94 3.42 -1.80
C MET A 65 -8.39 3.92 -1.92
N THR A 66 -8.95 4.42 -0.83
CA THR A 66 -10.33 4.86 -0.82
C THR A 66 -10.45 6.35 -1.13
N GLY A 67 -9.35 6.95 -1.54
CA GLY A 67 -9.34 8.38 -1.79
C GLY A 67 -9.18 8.71 -3.27
N GLY A 68 -10.08 9.52 -3.80
CA GLY A 68 -9.99 9.92 -5.19
C GLY A 68 -11.04 9.26 -6.06
N ASP A 69 -11.77 8.31 -5.50
CA ASP A 69 -12.80 7.61 -6.26
C ASP A 69 -14.06 8.45 -6.41
N GLU A 70 -14.53 8.59 -7.64
CA GLU A 70 -15.73 9.36 -7.93
C GLU A 70 -16.79 8.42 -8.49
N MET A 1 -14.50 -10.51 -5.16
CA MET A 1 -15.04 -9.18 -4.81
C MET A 1 -14.22 -8.61 -3.66
N GLN A 2 -13.14 -7.93 -4.00
CA GLN A 2 -12.21 -7.41 -2.98
C GLN A 2 -12.48 -5.94 -2.70
N GLN A 3 -13.59 -5.68 -2.02
CA GLN A 3 -13.91 -4.33 -1.58
C GLN A 3 -13.21 -4.01 -0.27
N GLU A 4 -13.07 -5.02 0.57
CA GLU A 4 -12.46 -4.85 1.88
C GLU A 4 -10.94 -4.88 1.78
N LEU A 5 -10.33 -3.73 2.04
CA LEU A 5 -8.88 -3.61 2.05
C LEU A 5 -8.31 -4.25 3.30
N ARG A 6 -9.20 -4.60 4.23
CA ARG A 6 -8.83 -5.27 5.47
C ARG A 6 -8.10 -6.57 5.19
N GLU A 7 -8.67 -7.37 4.29
CA GLU A 7 -8.07 -8.64 3.91
C GLU A 7 -6.78 -8.42 3.12
N ALA A 8 -6.82 -7.45 2.23
CA ALA A 8 -5.66 -7.12 1.41
C ALA A 8 -4.47 -6.76 2.30
N PHE A 9 -4.74 -6.00 3.36
CA PHE A 9 -3.71 -5.61 4.31
C PHE A 9 -3.15 -6.83 5.03
N ARG A 10 -4.03 -7.74 5.44
CA ARG A 10 -3.63 -8.92 6.19
C ARG A 10 -2.87 -9.91 5.31
N LEU A 11 -3.04 -9.81 4.01
CA LEU A 11 -2.32 -10.66 3.07
C LEU A 11 -0.82 -10.34 3.12
N TYR A 12 -0.50 -9.08 3.36
CA TYR A 12 0.88 -8.64 3.38
C TYR A 12 1.39 -8.47 4.81
N ASP A 13 0.52 -8.01 5.70
CA ASP A 13 0.86 -7.93 7.12
C ASP A 13 0.27 -9.11 7.85
N LYS A 14 1.07 -10.15 7.98
CA LYS A 14 0.65 -11.35 8.67
C LYS A 14 0.71 -11.14 10.17
N GLU A 15 1.83 -10.61 10.62
CA GLU A 15 2.04 -10.32 12.03
C GLU A 15 3.06 -9.20 12.18
N GLY A 16 2.96 -8.20 11.31
CA GLY A 16 3.91 -7.10 11.32
C GLY A 16 3.49 -6.00 12.25
N ASN A 17 2.48 -6.29 13.08
CA ASN A 17 1.95 -5.36 14.06
C ASN A 17 1.19 -4.22 13.38
N GLY A 18 0.75 -4.47 12.15
CA GLY A 18 -0.04 -3.50 11.43
C GLY A 18 0.81 -2.44 10.75
N TYR A 19 1.97 -2.85 10.25
CA TYR A 19 2.87 -1.94 9.56
C TYR A 19 3.53 -2.64 8.39
N ILE A 20 3.13 -2.30 7.19
CA ILE A 20 3.74 -2.86 6.00
C ILE A 20 4.79 -1.92 5.45
N SER A 21 5.88 -2.49 4.98
CA SER A 21 6.95 -1.71 4.39
C SER A 21 6.48 -1.17 3.05
N THR A 22 6.90 0.05 2.74
CA THR A 22 6.56 0.70 1.47
C THR A 22 7.10 -0.12 0.30
N ASP A 23 8.18 -0.84 0.55
CA ASP A 23 8.71 -1.81 -0.40
C ASP A 23 7.64 -2.85 -0.75
N VAL A 24 6.90 -3.28 0.27
CA VAL A 24 5.83 -4.24 0.09
C VAL A 24 4.66 -3.60 -0.66
N MET A 25 4.38 -2.32 -0.37
CA MET A 25 3.32 -1.58 -1.03
C MET A 25 3.57 -1.52 -2.54
N ARG A 26 4.85 -1.46 -2.92
CA ARG A 26 5.23 -1.47 -4.32
C ARG A 26 4.71 -2.73 -5.00
N GLU A 27 4.72 -3.83 -4.27
CA GLU A 27 4.29 -5.12 -4.79
C GLU A 27 2.77 -5.20 -4.79
N ILE A 28 2.16 -4.62 -3.76
CA ILE A 28 0.70 -4.58 -3.65
C ILE A 28 0.09 -3.88 -4.85
N LEU A 29 0.56 -2.66 -5.11
CA LEU A 29 0.02 -1.84 -6.18
C LEU A 29 0.26 -2.47 -7.54
N ALA A 30 1.42 -3.11 -7.71
CA ALA A 30 1.78 -3.74 -8.96
C ALA A 30 0.90 -4.97 -9.24
N GLU A 31 0.43 -5.60 -8.17
CA GLU A 31 -0.44 -6.76 -8.30
C GLU A 31 -1.89 -6.31 -8.46
N LEU A 32 -2.29 -5.32 -7.69
CA LEU A 32 -3.66 -4.83 -7.69
C LEU A 32 -3.99 -4.11 -9.00
N ASP A 33 -3.16 -3.16 -9.38
CA ASP A 33 -3.42 -2.36 -10.58
C ASP A 33 -2.55 -2.83 -11.74
N GLU A 34 -3.13 -2.88 -12.92
CA GLU A 34 -2.45 -3.43 -14.08
C GLU A 34 -1.98 -2.32 -15.04
N THR A 35 -2.31 -1.07 -14.71
CA THR A 35 -2.03 0.03 -15.63
C THR A 35 -0.85 0.87 -15.17
N LEU A 36 -0.55 0.85 -13.87
CA LEU A 36 0.58 1.62 -13.35
C LEU A 36 1.90 0.92 -13.67
N SER A 37 2.96 1.70 -13.73
CA SER A 37 4.26 1.19 -14.11
C SER A 37 5.31 1.50 -13.05
N SER A 38 6.55 1.09 -13.32
CA SER A 38 7.66 1.34 -12.41
C SER A 38 7.79 2.82 -12.08
N GLU A 39 7.67 3.65 -13.10
CA GLU A 39 7.76 5.10 -12.94
C GLU A 39 6.69 5.60 -11.97
N ASP A 40 5.47 5.10 -12.14
CA ASP A 40 4.37 5.44 -11.25
C ASP A 40 4.69 5.07 -9.82
N LEU A 41 5.05 3.81 -9.63
CA LEU A 41 5.30 3.26 -8.31
C LEU A 41 6.45 3.97 -7.61
N ASP A 42 7.57 4.12 -8.31
CA ASP A 42 8.74 4.75 -7.73
C ASP A 42 8.43 6.17 -7.27
N ALA A 43 7.80 6.95 -8.14
CA ALA A 43 7.48 8.34 -7.85
C ALA A 43 6.48 8.46 -6.71
N MET A 44 5.52 7.54 -6.64
CA MET A 44 4.49 7.60 -5.62
C MET A 44 4.95 7.01 -4.29
N ILE A 45 5.68 5.91 -4.35
CA ILE A 45 6.11 5.22 -3.15
C ILE A 45 7.19 6.01 -2.40
N ASP A 46 8.04 6.71 -3.15
CA ASP A 46 9.07 7.54 -2.54
C ASP A 46 8.43 8.70 -1.77
N GLU A 47 7.16 8.95 -2.04
CA GLU A 47 6.42 10.01 -1.39
C GLU A 47 5.51 9.48 -0.29
N ILE A 48 5.27 8.17 -0.29
CA ILE A 48 4.27 7.58 0.59
C ILE A 48 4.85 7.18 1.94
N ASP A 49 6.18 6.95 1.98
CA ASP A 49 6.87 6.57 3.22
C ASP A 49 6.40 7.43 4.38
N ALA A 50 5.61 6.84 5.26
CA ALA A 50 4.95 7.59 6.30
C ALA A 50 5.71 7.54 7.62
N ASP A 51 5.87 6.35 8.16
CA ASP A 51 6.27 6.21 9.56
C ASP A 51 7.79 6.26 9.75
N GLY A 52 8.44 5.10 9.61
CA GLY A 52 9.86 5.03 9.96
C GLY A 52 10.72 4.68 8.79
N SER A 53 11.22 3.45 8.77
CA SER A 53 12.07 2.99 7.69
C SER A 53 11.25 2.62 6.45
N GLY A 54 10.32 3.51 6.10
CA GLY A 54 9.45 3.26 4.97
C GLY A 54 8.34 2.31 5.34
N THR A 55 7.52 2.70 6.30
CA THR A 55 6.43 1.86 6.75
C THR A 55 5.10 2.59 6.60
N VAL A 56 4.06 1.82 6.29
CA VAL A 56 2.72 2.33 6.12
C VAL A 56 1.74 1.54 6.98
N ASP A 57 1.02 2.22 7.84
CA ASP A 57 0.00 1.56 8.67
C ASP A 57 -1.37 1.73 8.03
N PHE A 58 -2.41 1.25 8.71
CA PHE A 58 -3.76 1.30 8.19
C PHE A 58 -4.23 2.73 7.88
N GLU A 59 -3.76 3.69 8.69
CA GLU A 59 -4.14 5.09 8.52
C GLU A 59 -3.70 5.61 7.14
N GLU A 60 -2.41 5.53 6.88
CA GLU A 60 -1.86 5.96 5.61
C GLU A 60 -2.35 5.05 4.48
N PHE A 61 -2.55 3.79 4.81
CA PHE A 61 -3.04 2.78 3.85
C PHE A 61 -4.43 3.16 3.33
N MET A 62 -5.33 3.54 4.23
CA MET A 62 -6.68 3.95 3.82
C MET A 62 -6.67 5.40 3.35
N GLY A 63 -5.52 6.04 3.45
CA GLY A 63 -5.36 7.39 2.95
C GLY A 63 -4.97 7.39 1.48
N VAL A 64 -4.02 6.52 1.13
CA VAL A 64 -3.56 6.40 -0.24
C VAL A 64 -4.65 5.75 -1.11
N MET A 65 -5.40 4.84 -0.52
CA MET A 65 -6.48 4.16 -1.24
C MET A 65 -7.82 4.74 -0.82
N THR A 66 -8.89 4.23 -1.43
CA THR A 66 -10.26 4.69 -1.18
C THR A 66 -10.37 6.22 -1.24
N GLY A 67 -10.01 6.78 -2.38
CA GLY A 67 -10.14 8.21 -2.59
C GLY A 67 -11.15 8.52 -3.66
N GLY A 68 -12.41 8.34 -3.35
CA GLY A 68 -13.46 8.51 -4.33
C GLY A 68 -14.21 7.22 -4.58
N ASP A 69 -14.97 6.80 -3.58
CA ASP A 69 -15.70 5.54 -3.64
C ASP A 69 -17.21 5.80 -3.61
N GLU A 70 -17.96 5.09 -4.45
CA GLU A 70 -19.41 5.22 -4.49
C GLU A 70 -20.04 4.61 -3.24
N MET A 1 -21.75 -9.27 3.33
CA MET A 1 -21.57 -8.00 2.57
C MET A 1 -20.24 -7.33 2.93
N GLN A 2 -19.87 -7.36 4.21
CA GLN A 2 -18.64 -6.74 4.67
C GLN A 2 -17.41 -7.55 4.24
N GLN A 3 -16.68 -7.00 3.29
CA GLN A 3 -15.48 -7.65 2.76
C GLN A 3 -14.32 -6.66 2.88
N GLU A 4 -14.38 -5.59 2.08
CA GLU A 4 -13.38 -4.51 2.11
C GLU A 4 -11.99 -5.02 1.70
N LEU A 5 -11.00 -4.14 1.78
CA LEU A 5 -9.65 -4.45 1.34
C LEU A 5 -8.83 -5.05 2.48
N ARG A 6 -9.50 -5.37 3.58
CA ARG A 6 -8.83 -5.86 4.79
C ARG A 6 -8.05 -7.14 4.52
N GLU A 7 -8.65 -8.07 3.77
CA GLU A 7 -8.03 -9.36 3.52
C GLU A 7 -6.70 -9.22 2.79
N ALA A 8 -6.62 -8.24 1.89
CA ALA A 8 -5.41 -8.01 1.12
C ALA A 8 -4.28 -7.56 2.02
N PHE A 9 -4.61 -6.76 3.03
CA PHE A 9 -3.61 -6.24 3.95
C PHE A 9 -3.24 -7.29 4.99
N ARG A 10 -4.23 -8.08 5.42
CA ARG A 10 -4.01 -9.06 6.47
C ARG A 10 -3.01 -10.13 6.05
N LEU A 11 -2.85 -10.30 4.75
CA LEU A 11 -1.88 -11.25 4.20
C LEU A 11 -0.46 -10.89 4.65
N TYR A 12 -0.13 -9.61 4.57
CA TYR A 12 1.20 -9.14 4.93
C TYR A 12 1.27 -8.76 6.40
N ASP A 13 0.09 -8.52 6.98
CA ASP A 13 -0.03 -8.14 8.39
C ASP A 13 0.58 -9.19 9.31
N LYS A 14 0.22 -10.46 9.07
CA LYS A 14 0.61 -11.56 9.95
C LYS A 14 2.13 -11.63 10.15
N GLU A 15 2.88 -11.37 9.09
CA GLU A 15 4.32 -11.49 9.14
C GLU A 15 4.99 -10.35 8.38
N GLY A 16 4.63 -9.14 8.76
CA GLY A 16 5.22 -7.95 8.17
C GLY A 16 5.35 -6.83 9.17
N ASN A 17 5.20 -7.19 10.45
CA ASN A 17 5.33 -6.24 11.56
C ASN A 17 4.17 -5.23 11.55
N GLY A 18 3.09 -5.58 10.87
CA GLY A 18 1.93 -4.69 10.80
C GLY A 18 2.15 -3.55 9.82
N TYR A 19 3.13 -2.72 10.11
CA TYR A 19 3.45 -1.58 9.25
C TYR A 19 4.37 -2.05 8.13
N ILE A 20 3.78 -2.49 7.04
CA ILE A 20 4.53 -3.10 5.95
C ILE A 20 5.39 -2.08 5.23
N SER A 21 6.58 -2.51 4.85
CA SER A 21 7.52 -1.69 4.12
C SER A 21 6.91 -1.23 2.81
N THR A 22 7.18 0.03 2.47
CA THR A 22 6.67 0.64 1.25
C THR A 22 7.18 -0.08 0.00
N ASP A 23 8.22 -0.88 0.19
CA ASP A 23 8.76 -1.75 -0.85
C ASP A 23 7.65 -2.67 -1.36
N VAL A 24 6.83 -3.15 -0.43
CA VAL A 24 5.75 -4.08 -0.76
C VAL A 24 4.60 -3.33 -1.42
N MET A 25 4.41 -2.07 -1.04
CA MET A 25 3.34 -1.25 -1.59
C MET A 25 3.53 -1.07 -3.09
N ARG A 26 4.77 -1.02 -3.54
CA ARG A 26 5.08 -0.94 -4.96
C ARG A 26 4.48 -2.14 -5.70
N GLU A 27 4.58 -3.30 -5.07
CA GLU A 27 4.07 -4.54 -5.65
C GLU A 27 2.56 -4.54 -5.65
N ILE A 28 1.97 -3.97 -4.61
CA ILE A 28 0.53 -3.88 -4.48
C ILE A 28 -0.05 -2.91 -5.51
N LEU A 29 0.65 -1.82 -5.74
CA LEU A 29 0.24 -0.85 -6.76
C LEU A 29 0.32 -1.46 -8.15
N ALA A 30 1.37 -2.25 -8.39
CA ALA A 30 1.55 -2.93 -9.66
C ALA A 30 0.53 -4.05 -9.82
N GLU A 31 -0.04 -4.48 -8.69
CA GLU A 31 -1.09 -5.48 -8.69
C GLU A 31 -2.42 -4.83 -9.05
N LEU A 32 -2.59 -3.60 -8.60
CA LEU A 32 -3.83 -2.86 -8.81
C LEU A 32 -3.92 -2.39 -10.27
N ASP A 33 -2.98 -1.54 -10.67
CA ASP A 33 -3.01 -0.95 -11.99
C ASP A 33 -1.96 -1.58 -12.90
N GLU A 34 -2.31 -1.77 -14.16
CA GLU A 34 -1.44 -2.47 -15.09
C GLU A 34 -0.87 -1.52 -16.16
N THR A 35 -0.96 -0.22 -15.93
CA THR A 35 -0.42 0.74 -16.90
C THR A 35 0.72 1.55 -16.29
N LEU A 36 0.83 1.54 -14.97
CA LEU A 36 1.93 2.21 -14.30
C LEU A 36 3.21 1.39 -14.45
N SER A 37 4.35 2.08 -14.44
CA SER A 37 5.62 1.42 -14.61
C SER A 37 6.45 1.51 -13.32
N SER A 38 7.64 0.94 -13.32
CA SER A 38 8.49 0.95 -12.13
C SER A 38 8.83 2.39 -11.75
N GLU A 39 9.03 3.23 -12.76
CA GLU A 39 9.31 4.65 -12.56
C GLU A 39 8.19 5.29 -11.74
N ASP A 40 6.95 4.99 -12.11
CA ASP A 40 5.78 5.52 -11.41
C ASP A 40 5.75 5.05 -9.97
N LEU A 41 6.04 3.77 -9.75
CA LEU A 41 6.07 3.19 -8.41
C LEU A 41 7.07 3.94 -7.53
N ASP A 42 8.20 4.31 -8.11
CA ASP A 42 9.24 5.03 -7.40
C ASP A 42 8.80 6.46 -7.10
N ALA A 43 8.03 7.05 -8.02
CA ALA A 43 7.55 8.42 -7.86
C ALA A 43 6.62 8.56 -6.65
N MET A 44 5.64 7.65 -6.55
CA MET A 44 4.73 7.67 -5.41
C MET A 44 5.43 7.23 -4.14
N ILE A 45 6.19 6.14 -4.21
CA ILE A 45 6.90 5.64 -3.05
C ILE A 45 8.20 6.43 -2.85
N ASP A 46 8.02 7.68 -2.48
CA ASP A 46 9.13 8.59 -2.22
C ASP A 46 8.71 9.60 -1.16
N GLU A 47 7.48 10.09 -1.29
CA GLU A 47 6.92 11.04 -0.35
C GLU A 47 5.77 10.36 0.40
N ILE A 48 5.83 9.04 0.44
CA ILE A 48 4.87 8.26 1.21
C ILE A 48 5.49 7.80 2.52
N ASP A 49 6.74 7.36 2.43
CA ASP A 49 7.40 6.75 3.57
C ASP A 49 8.13 7.78 4.42
N ALA A 50 8.02 7.63 5.74
CA ALA A 50 8.76 8.44 6.68
C ALA A 50 9.00 7.68 7.98
N ASP A 51 8.80 6.36 7.92
CA ASP A 51 8.98 5.47 9.07
C ASP A 51 8.02 5.82 10.21
N GLY A 52 6.93 5.10 10.31
CA GLY A 52 5.90 5.42 11.29
C GLY A 52 4.78 6.21 10.65
N SER A 53 5.18 7.15 9.81
CA SER A 53 4.26 7.83 8.92
C SER A 53 4.68 7.52 7.48
N GLY A 54 4.66 6.24 7.15
CA GLY A 54 5.12 5.79 5.85
C GLY A 54 5.15 4.28 5.76
N THR A 55 5.58 3.64 6.84
CA THR A 55 5.47 2.20 6.97
C THR A 55 3.98 1.84 7.02
N VAL A 56 3.47 1.37 5.89
CA VAL A 56 2.03 1.30 5.63
C VAL A 56 1.24 0.74 6.80
N ASP A 57 0.50 1.64 7.44
CA ASP A 57 -0.38 1.31 8.54
C ASP A 57 -1.70 0.76 8.01
N PHE A 58 -2.48 0.14 8.90
CA PHE A 58 -3.77 -0.45 8.54
C PHE A 58 -4.62 0.52 7.71
N GLU A 59 -4.76 1.75 8.19
CA GLU A 59 -5.60 2.73 7.53
C GLU A 59 -4.83 3.52 6.49
N GLU A 60 -3.50 3.45 6.56
CA GLU A 60 -2.64 4.12 5.60
C GLU A 60 -2.76 3.42 4.25
N PHE A 61 -2.99 2.11 4.32
CA PHE A 61 -3.23 1.31 3.14
C PHE A 61 -4.40 1.87 2.34
N MET A 62 -5.47 2.24 3.04
CA MET A 62 -6.65 2.80 2.40
C MET A 62 -6.33 4.14 1.76
N GLY A 63 -5.51 4.95 2.44
CA GLY A 63 -5.15 6.26 1.93
C GLY A 63 -4.45 6.20 0.59
N VAL A 64 -3.70 5.12 0.37
CA VAL A 64 -3.02 4.91 -0.91
C VAL A 64 -4.03 4.47 -1.97
N MET A 65 -4.95 3.59 -1.56
CA MET A 65 -5.95 3.04 -2.48
C MET A 65 -6.97 4.09 -2.89
N THR A 66 -7.46 4.85 -1.93
CA THR A 66 -8.45 5.88 -2.22
C THR A 66 -7.81 7.26 -2.26
N GLY A 67 -6.59 7.31 -2.77
CA GLY A 67 -5.91 8.59 -2.92
C GLY A 67 -6.49 9.39 -4.07
N GLY A 68 -7.64 9.99 -3.84
CA GLY A 68 -8.36 10.67 -4.88
C GLY A 68 -9.53 9.84 -5.37
N ASP A 69 -10.41 9.49 -4.44
CA ASP A 69 -11.54 8.63 -4.75
C ASP A 69 -12.76 9.44 -5.17
N GLU A 70 -13.33 9.07 -6.31
CA GLU A 70 -14.54 9.66 -6.83
C GLU A 70 -14.89 9.00 -8.16
N MET A 1 -21.76 -5.28 1.93
CA MET A 1 -21.49 -5.41 3.38
C MET A 1 -20.20 -4.69 3.74
N GLN A 2 -19.08 -5.37 3.53
CA GLN A 2 -17.77 -4.84 3.87
C GLN A 2 -16.75 -5.24 2.80
N GLN A 3 -16.20 -4.24 2.12
CA GLN A 3 -15.21 -4.49 1.07
C GLN A 3 -13.92 -5.07 1.65
N GLU A 4 -13.67 -4.75 2.93
CA GLU A 4 -12.56 -5.34 3.69
C GLU A 4 -11.23 -5.28 2.94
N LEU A 5 -10.47 -4.23 3.20
CA LEU A 5 -9.16 -4.06 2.57
C LEU A 5 -8.14 -5.00 3.19
N ARG A 6 -8.55 -5.66 4.27
CA ARG A 6 -7.66 -6.51 5.04
C ARG A 6 -7.41 -7.85 4.36
N GLU A 7 -8.23 -8.22 3.37
CA GLU A 7 -8.02 -9.48 2.67
C GLU A 7 -6.67 -9.48 1.96
N ALA A 8 -6.32 -8.36 1.35
CA ALA A 8 -5.03 -8.23 0.71
C ALA A 8 -3.95 -7.96 1.75
N PHE A 9 -4.27 -7.11 2.71
CA PHE A 9 -3.31 -6.68 3.73
C PHE A 9 -2.81 -7.86 4.56
N ARG A 10 -3.69 -8.81 4.84
CA ARG A 10 -3.34 -9.96 5.68
C ARG A 10 -2.32 -10.87 4.98
N LEU A 11 -2.16 -10.69 3.68
CA LEU A 11 -1.21 -11.47 2.91
C LEU A 11 0.18 -10.86 3.01
N TYR A 12 0.23 -9.53 3.10
CA TYR A 12 1.50 -8.81 3.13
C TYR A 12 2.05 -8.74 4.54
N ASP A 13 1.15 -8.62 5.52
CA ASP A 13 1.56 -8.59 6.92
C ASP A 13 1.82 -10.02 7.40
N LYS A 14 2.87 -10.61 6.84
CA LYS A 14 3.24 -11.98 7.15
C LYS A 14 3.76 -12.10 8.58
N GLU A 15 4.70 -11.22 8.92
CA GLU A 15 5.37 -11.28 10.22
C GLU A 15 4.44 -10.87 11.35
N GLY A 16 3.42 -10.10 11.01
CA GLY A 16 2.51 -9.59 12.01
C GLY A 16 3.00 -8.30 12.62
N ASN A 17 3.12 -7.28 11.79
CA ASN A 17 3.62 -5.99 12.23
C ASN A 17 2.48 -4.99 12.37
N GLY A 18 1.52 -5.08 11.47
CA GLY A 18 0.41 -4.14 11.47
C GLY A 18 0.67 -2.98 10.54
N TYR A 19 1.84 -3.00 9.91
CA TYR A 19 2.24 -1.97 8.97
C TYR A 19 3.26 -2.57 8.00
N ILE A 20 3.20 -2.13 6.76
CA ILE A 20 4.07 -2.68 5.73
C ILE A 20 4.96 -1.59 5.13
N SER A 21 6.17 -1.99 4.81
CA SER A 21 7.11 -1.11 4.15
C SER A 21 6.57 -0.71 2.78
N THR A 22 6.78 0.56 2.43
CA THR A 22 6.26 1.15 1.20
C THR A 22 6.68 0.38 -0.05
N ASP A 23 7.78 -0.37 0.05
CA ASP A 23 8.25 -1.21 -1.04
C ASP A 23 7.19 -2.22 -1.45
N VAL A 24 6.39 -2.64 -0.48
CA VAL A 24 5.32 -3.61 -0.76
C VAL A 24 4.19 -2.93 -1.53
N MET A 25 4.04 -1.62 -1.33
CA MET A 25 2.96 -0.87 -1.97
C MET A 25 3.15 -0.84 -3.49
N ARG A 26 4.39 -0.72 -3.95
CA ARG A 26 4.64 -0.73 -5.38
C ARG A 26 4.50 -2.13 -5.96
N GLU A 27 4.56 -3.14 -5.09
CA GLU A 27 4.26 -4.51 -5.50
C GLU A 27 2.76 -4.66 -5.67
N ILE A 28 2.01 -4.09 -4.73
CA ILE A 28 0.57 -4.06 -4.80
C ILE A 28 0.10 -3.32 -6.04
N LEU A 29 0.64 -2.11 -6.24
CA LEU A 29 0.27 -1.27 -7.38
C LEU A 29 0.55 -1.97 -8.71
N ALA A 30 1.58 -2.78 -8.74
CA ALA A 30 1.96 -3.51 -9.94
C ALA A 30 0.89 -4.53 -10.33
N GLU A 31 0.15 -5.00 -9.35
CA GLU A 31 -0.94 -5.95 -9.58
C GLU A 31 -2.28 -5.23 -9.66
N LEU A 32 -2.43 -4.20 -8.84
CA LEU A 32 -3.66 -3.42 -8.78
C LEU A 32 -3.91 -2.72 -10.13
N ASP A 33 -2.87 -2.11 -10.66
CA ASP A 33 -2.97 -1.39 -11.92
C ASP A 33 -2.45 -2.28 -13.04
N GLU A 34 -2.43 -1.75 -14.25
CA GLU A 34 -2.01 -2.50 -15.41
C GLU A 34 -0.61 -2.09 -15.79
N THR A 35 0.33 -2.81 -15.20
CA THR A 35 1.76 -2.72 -15.44
C THR A 35 2.29 -1.28 -15.38
N LEU A 36 2.44 -0.80 -14.15
CA LEU A 36 3.04 0.49 -13.89
C LEU A 36 4.55 0.38 -13.93
N SER A 37 5.21 1.35 -14.56
CA SER A 37 6.65 1.37 -14.64
C SER A 37 7.25 1.80 -13.31
N SER A 38 8.53 1.49 -13.10
CA SER A 38 9.24 1.89 -11.89
C SER A 38 9.17 3.40 -11.70
N GLU A 39 9.21 4.14 -12.81
CA GLU A 39 9.19 5.59 -12.78
C GLU A 39 7.86 6.11 -12.21
N ASP A 40 6.80 5.32 -12.38
CA ASP A 40 5.49 5.67 -11.80
C ASP A 40 5.46 5.29 -10.33
N LEU A 41 5.98 4.10 -10.04
CA LEU A 41 5.96 3.55 -8.69
C LEU A 41 6.82 4.39 -7.74
N ASP A 42 7.95 4.89 -8.24
CA ASP A 42 8.88 5.69 -7.44
C ASP A 42 8.17 6.83 -6.73
N ALA A 43 7.38 7.59 -7.48
CA ALA A 43 6.67 8.74 -6.95
C ALA A 43 5.74 8.34 -5.81
N MET A 44 4.95 7.31 -6.05
CA MET A 44 3.99 6.82 -5.06
C MET A 44 4.69 6.41 -3.77
N ILE A 45 5.86 5.81 -3.91
CA ILE A 45 6.59 5.31 -2.75
C ILE A 45 7.32 6.45 -2.03
N ASP A 46 7.80 7.40 -2.82
CA ASP A 46 8.57 8.53 -2.30
C ASP A 46 7.76 9.38 -1.33
N GLU A 47 6.49 9.59 -1.65
CA GLU A 47 5.66 10.53 -0.90
C GLU A 47 5.13 9.91 0.37
N ILE A 48 5.19 8.60 0.47
CA ILE A 48 4.75 7.91 1.66
C ILE A 48 5.93 7.48 2.51
N ASP A 49 6.83 6.70 1.89
CA ASP A 49 8.07 6.22 2.54
C ASP A 49 7.81 5.32 3.75
N ALA A 50 8.77 4.48 4.07
CA ALA A 50 8.60 3.51 5.15
C ALA A 50 9.60 3.77 6.27
N ASP A 51 9.46 4.91 6.93
CA ASP A 51 10.37 5.27 8.01
C ASP A 51 9.63 5.54 9.32
N GLY A 52 8.51 6.23 9.22
CA GLY A 52 7.76 6.61 10.41
C GLY A 52 6.69 7.61 10.05
N SER A 53 5.49 7.44 10.65
CA SER A 53 4.31 8.21 10.25
C SER A 53 4.17 8.20 8.73
N GLY A 54 4.53 7.06 8.15
CA GLY A 54 4.55 6.89 6.72
C GLY A 54 4.58 5.43 6.35
N THR A 55 5.29 4.64 7.16
CA THR A 55 5.25 3.19 7.06
C THR A 55 3.79 2.75 6.98
N VAL A 56 3.43 2.22 5.82
CA VAL A 56 2.04 2.09 5.44
C VAL A 56 1.31 1.03 6.27
N ASP A 57 0.49 1.49 7.19
CA ASP A 57 -0.37 0.59 7.96
C ASP A 57 -1.73 0.50 7.29
N PHE A 58 -2.69 -0.18 7.92
CA PHE A 58 -4.02 -0.31 7.33
C PHE A 58 -4.69 1.05 7.14
N GLU A 59 -4.51 1.95 8.10
CA GLU A 59 -5.11 3.28 8.03
C GLU A 59 -4.51 4.07 6.86
N GLU A 60 -3.18 4.06 6.78
CA GLU A 60 -2.48 4.75 5.70
C GLU A 60 -2.82 4.11 4.35
N PHE A 61 -2.82 2.78 4.32
CA PHE A 61 -3.15 2.03 3.12
C PHE A 61 -4.53 2.43 2.59
N MET A 62 -5.49 2.53 3.51
CA MET A 62 -6.84 2.95 3.17
C MET A 62 -6.82 4.33 2.54
N GLY A 63 -6.12 5.26 3.19
CA GLY A 63 -6.09 6.64 2.74
C GLY A 63 -5.39 6.83 1.41
N VAL A 64 -4.40 5.99 1.13
CA VAL A 64 -3.64 6.10 -0.10
C VAL A 64 -4.38 5.45 -1.28
N MET A 65 -4.86 4.23 -1.06
CA MET A 65 -5.47 3.45 -2.14
C MET A 65 -6.87 3.95 -2.49
N THR A 66 -7.63 4.33 -1.47
CA THR A 66 -9.00 4.78 -1.69
C THR A 66 -9.47 5.67 -0.53
N GLY A 67 -8.65 6.67 -0.22
CA GLY A 67 -8.96 7.55 0.90
C GLY A 67 -9.22 8.97 0.43
N GLY A 68 -9.26 9.15 -0.86
CA GLY A 68 -9.54 10.46 -1.42
C GLY A 68 -10.29 10.36 -2.74
N ASP A 69 -9.94 9.36 -3.52
CA ASP A 69 -10.58 9.12 -4.80
C ASP A 69 -11.57 7.96 -4.70
N GLU A 70 -12.83 8.24 -5.00
CA GLU A 70 -13.88 7.23 -4.95
C GLU A 70 -14.83 7.43 -6.11
N MET A 1 -19.55 -6.50 2.99
CA MET A 1 -19.37 -6.07 1.59
C MET A 1 -17.90 -6.13 1.21
N GLN A 2 -17.62 -6.63 0.02
CA GLN A 2 -16.25 -6.89 -0.43
C GLN A 2 -15.54 -5.62 -0.89
N GLN A 3 -15.42 -4.67 0.03
CA GLN A 3 -14.56 -3.50 -0.16
C GLN A 3 -13.43 -3.60 0.86
N GLU A 4 -13.40 -4.75 1.53
CA GLU A 4 -12.52 -5.00 2.65
C GLU A 4 -11.05 -4.86 2.29
N LEU A 5 -10.42 -3.83 2.83
CA LEU A 5 -8.99 -3.64 2.70
C LEU A 5 -8.28 -4.73 3.51
N ARG A 6 -8.97 -5.19 4.55
CA ARG A 6 -8.45 -6.23 5.42
C ARG A 6 -8.17 -7.52 4.65
N GLU A 7 -9.01 -7.81 3.66
CA GLU A 7 -8.89 -9.04 2.89
C GLU A 7 -7.52 -9.11 2.20
N ALA A 8 -7.11 -8.00 1.60
CA ALA A 8 -5.82 -7.94 0.93
C ALA A 8 -4.69 -7.70 1.93
N PHE A 9 -4.91 -6.77 2.83
CA PHE A 9 -3.88 -6.32 3.76
C PHE A 9 -3.40 -7.44 4.66
N ARG A 10 -4.30 -8.37 5.01
CA ARG A 10 -3.97 -9.46 5.91
C ARG A 10 -2.96 -10.43 5.28
N LEU A 11 -2.76 -10.29 3.97
CA LEU A 11 -1.80 -11.12 3.26
C LEU A 11 -0.42 -10.46 3.30
N TYR A 12 -0.40 -9.15 3.50
CA TYR A 12 0.83 -8.37 3.45
C TYR A 12 1.35 -8.04 4.86
N ASP A 13 0.44 -7.89 5.82
CA ASP A 13 0.83 -7.52 7.19
C ASP A 13 1.39 -8.72 7.95
N LYS A 14 1.61 -9.80 7.18
CA LYS A 14 2.15 -11.07 7.68
C LYS A 14 3.27 -10.87 8.72
N GLU A 15 4.21 -10.00 8.41
CA GLU A 15 5.36 -9.78 9.28
C GLU A 15 5.30 -8.38 9.91
N GLY A 16 4.40 -7.55 9.40
CA GLY A 16 4.38 -6.16 9.79
C GLY A 16 3.51 -5.87 11.00
N ASN A 17 2.61 -6.80 11.31
CA ASN A 17 1.72 -6.65 12.47
C ASN A 17 0.87 -5.39 12.36
N GLY A 18 0.46 -5.05 11.15
CA GLY A 18 -0.39 -3.88 10.98
C GLY A 18 0.25 -2.81 10.12
N TYR A 19 1.57 -2.72 10.16
CA TYR A 19 2.28 -1.76 9.33
C TYR A 19 3.29 -2.49 8.46
N ILE A 20 3.21 -2.27 7.16
CA ILE A 20 4.05 -3.00 6.21
C ILE A 20 5.09 -2.10 5.57
N SER A 21 6.21 -2.69 5.22
CA SER A 21 7.26 -1.98 4.50
C SER A 21 6.71 -1.42 3.19
N THR A 22 7.09 -0.19 2.90
CA THR A 22 6.68 0.47 1.67
C THR A 22 7.17 -0.28 0.44
N ASP A 23 8.22 -1.07 0.64
CA ASP A 23 8.76 -1.91 -0.42
C ASP A 23 7.74 -2.96 -0.84
N VAL A 24 6.99 -3.45 0.12
CA VAL A 24 5.95 -4.43 -0.13
C VAL A 24 4.84 -3.82 -0.96
N MET A 25 4.56 -2.54 -0.72
CA MET A 25 3.50 -1.83 -1.43
C MET A 25 3.92 -1.51 -2.86
N ARG A 26 5.24 -1.50 -3.10
CA ARG A 26 5.78 -1.32 -4.46
C ARG A 26 5.21 -2.40 -5.37
N GLU A 27 5.16 -3.63 -4.85
CA GLU A 27 4.68 -4.76 -5.62
C GLU A 27 3.16 -4.80 -5.65
N ILE A 28 2.51 -4.31 -4.58
CA ILE A 28 1.05 -4.24 -4.55
C ILE A 28 0.54 -3.39 -5.70
N LEU A 29 1.25 -2.29 -5.97
CA LEU A 29 0.92 -1.43 -7.10
C LEU A 29 1.04 -2.18 -8.40
N ALA A 30 2.05 -3.04 -8.52
CA ALA A 30 2.29 -3.81 -9.73
C ALA A 30 1.27 -4.95 -9.88
N GLU A 31 0.81 -5.45 -8.74
CA GLU A 31 -0.19 -6.52 -8.74
C GLU A 31 -1.56 -5.97 -9.14
N LEU A 32 -1.81 -4.72 -8.78
CA LEU A 32 -3.10 -4.10 -9.05
C LEU A 32 -3.09 -3.43 -10.42
N ASP A 33 -2.10 -2.59 -10.65
CA ASP A 33 -2.04 -1.79 -11.87
C ASP A 33 -1.01 -2.34 -12.84
N GLU A 34 -1.30 -2.24 -14.13
CA GLU A 34 -0.45 -2.84 -15.15
C GLU A 34 0.25 -1.78 -16.00
N THR A 35 -0.18 -0.54 -15.89
CA THR A 35 0.29 0.51 -16.75
C THR A 35 1.29 1.41 -16.03
N LEU A 36 1.50 1.15 -14.75
CA LEU A 36 2.50 1.87 -13.97
C LEU A 36 3.90 1.39 -14.31
N SER A 37 4.73 2.32 -14.76
CA SER A 37 6.13 2.03 -15.04
C SER A 37 6.89 1.86 -13.72
N SER A 38 8.06 1.24 -13.81
CA SER A 38 8.86 0.95 -12.63
C SER A 38 9.37 2.23 -11.96
N GLU A 39 9.44 3.31 -12.72
CA GLU A 39 9.84 4.60 -12.16
C GLU A 39 8.72 5.13 -11.27
N ASP A 40 7.49 4.92 -11.69
CA ASP A 40 6.32 5.29 -10.90
C ASP A 40 6.32 4.53 -9.58
N LEU A 41 6.77 3.27 -9.65
CA LEU A 41 6.84 2.41 -8.47
C LEU A 41 7.66 3.06 -7.36
N ASP A 42 8.73 3.73 -7.73
CA ASP A 42 9.59 4.40 -6.76
C ASP A 42 9.01 5.75 -6.36
N ALA A 43 8.60 6.53 -7.36
CA ALA A 43 8.09 7.87 -7.14
C ALA A 43 6.85 7.88 -6.26
N MET A 44 5.87 7.04 -6.60
CA MET A 44 4.62 6.97 -5.85
C MET A 44 4.85 6.60 -4.40
N ILE A 45 5.64 5.56 -4.20
CA ILE A 45 5.92 5.06 -2.86
C ILE A 45 6.67 6.11 -2.03
N ASP A 46 7.52 6.88 -2.69
CA ASP A 46 8.28 7.93 -2.02
C ASP A 46 7.36 9.06 -1.56
N GLU A 47 6.28 9.28 -2.29
CA GLU A 47 5.33 10.34 -1.95
C GLU A 47 4.42 9.88 -0.83
N ILE A 48 3.99 8.63 -0.91
CA ILE A 48 3.09 8.06 0.07
C ILE A 48 3.85 7.71 1.35
N ASP A 49 4.74 6.71 1.24
CA ASP A 49 5.37 6.10 2.41
C ASP A 49 4.33 5.91 3.52
N ALA A 50 4.64 6.40 4.71
CA ALA A 50 3.67 6.48 5.79
C ALA A 50 4.23 7.28 6.96
N ASP A 51 5.30 6.78 7.56
CA ASP A 51 5.88 7.43 8.73
C ASP A 51 7.35 7.03 8.93
N GLY A 52 7.60 5.75 9.18
CA GLY A 52 8.92 5.31 9.58
C GLY A 52 9.81 4.99 8.40
N SER A 53 9.83 5.88 7.42
CA SER A 53 10.59 5.70 6.18
C SER A 53 10.36 4.30 5.60
N GLY A 54 9.11 3.85 5.63
CA GLY A 54 8.79 2.56 5.08
C GLY A 54 7.93 1.72 6.00
N THR A 55 7.00 2.36 6.71
CA THR A 55 6.09 1.63 7.59
C THR A 55 4.63 2.02 7.31
N VAL A 56 4.06 1.42 6.27
CA VAL A 56 2.68 1.73 5.88
C VAL A 56 1.71 1.27 6.96
N ASP A 57 1.22 2.22 7.74
CA ASP A 57 0.33 1.93 8.85
C ASP A 57 -1.12 1.94 8.37
N PHE A 58 -2.05 1.57 9.24
CA PHE A 58 -3.47 1.54 8.89
C PHE A 58 -3.92 2.91 8.43
N GLU A 59 -3.57 3.92 9.21
CA GLU A 59 -3.95 5.31 8.97
C GLU A 59 -3.49 5.79 7.59
N GLU A 60 -2.48 5.14 7.02
CA GLU A 60 -1.98 5.51 5.72
C GLU A 60 -2.70 4.72 4.63
N PHE A 61 -2.65 3.39 4.75
CA PHE A 61 -3.22 2.50 3.74
C PHE A 61 -4.73 2.71 3.60
N MET A 62 -5.40 2.98 4.71
CA MET A 62 -6.84 3.18 4.70
C MET A 62 -7.18 4.60 4.26
N GLY A 63 -6.15 5.41 4.07
CA GLY A 63 -6.35 6.77 3.60
C GLY A 63 -6.23 6.86 2.09
N VAL A 64 -5.23 6.17 1.55
CA VAL A 64 -5.02 6.10 0.12
C VAL A 64 -6.08 5.23 -0.54
N MET A 65 -6.72 4.38 0.26
CA MET A 65 -7.77 3.51 -0.23
C MET A 65 -9.12 3.93 0.34
N THR A 66 -10.20 3.41 -0.26
CA THR A 66 -11.60 3.68 0.12
C THR A 66 -12.00 5.13 -0.10
N GLY A 67 -11.30 6.04 0.56
CA GLY A 67 -11.56 7.47 0.41
C GLY A 67 -13.02 7.85 0.54
N GLY A 68 -13.50 7.94 1.76
CA GLY A 68 -14.89 8.31 1.98
C GLY A 68 -15.65 7.30 2.81
N ASP A 69 -15.26 6.04 2.71
CA ASP A 69 -15.91 4.98 3.46
C ASP A 69 -15.08 4.60 4.67
N GLU A 70 -15.74 4.45 5.80
CA GLU A 70 -15.07 4.16 7.05
C GLU A 70 -15.07 2.65 7.32
N MET A 1 -18.76 -9.42 3.69
CA MET A 1 -17.76 -8.56 3.03
C MET A 1 -16.36 -8.91 3.50
N GLN A 2 -15.80 -9.99 2.96
CA GLN A 2 -14.46 -10.41 3.33
C GLN A 2 -13.42 -9.75 2.44
N GLN A 3 -13.84 -9.33 1.26
CA GLN A 3 -12.92 -8.72 0.31
C GLN A 3 -12.98 -7.20 0.39
N GLU A 4 -13.07 -6.69 1.61
CA GLU A 4 -12.96 -5.26 1.85
C GLU A 4 -11.51 -4.85 1.67
N LEU A 5 -11.25 -3.57 1.37
CA LEU A 5 -9.90 -3.07 1.05
C LEU A 5 -8.80 -3.66 1.95
N ARG A 6 -9.11 -3.84 3.23
CA ARG A 6 -8.13 -4.35 4.18
C ARG A 6 -7.72 -5.80 3.90
N GLU A 7 -8.44 -6.49 3.01
CA GLU A 7 -8.09 -7.87 2.64
C GLU A 7 -6.61 -7.98 2.26
N ALA A 8 -6.15 -7.08 1.39
CA ALA A 8 -4.78 -7.12 0.89
C ALA A 8 -3.79 -6.83 2.01
N PHE A 9 -4.23 -6.09 3.01
CA PHE A 9 -3.38 -5.72 4.13
C PHE A 9 -2.92 -6.98 4.87
N ARG A 10 -3.87 -7.84 5.22
CA ARG A 10 -3.55 -9.05 5.96
C ARG A 10 -3.05 -10.17 5.04
N LEU A 11 -3.35 -10.06 3.76
CA LEU A 11 -2.88 -11.08 2.81
C LEU A 11 -1.38 -10.93 2.57
N TYR A 12 -0.94 -9.71 2.39
CA TYR A 12 0.47 -9.44 2.10
C TYR A 12 1.30 -9.35 3.38
N ASP A 13 0.82 -8.58 4.35
CA ASP A 13 1.57 -8.34 5.58
C ASP A 13 1.62 -9.57 6.47
N LYS A 14 2.77 -10.20 6.49
CA LYS A 14 2.99 -11.42 7.24
C LYS A 14 3.30 -11.16 8.73
N GLU A 15 3.61 -9.92 9.09
CA GLU A 15 4.14 -9.65 10.43
C GLU A 15 3.53 -8.41 11.11
N GLY A 16 3.52 -7.28 10.41
CA GLY A 16 3.25 -5.99 11.03
C GLY A 16 1.93 -5.93 11.79
N ASN A 17 0.84 -6.24 11.09
CA ASN A 17 -0.50 -6.21 11.67
C ASN A 17 -0.83 -4.82 12.17
N GLY A 18 -0.81 -3.86 11.26
CA GLY A 18 -1.06 -2.48 11.60
C GLY A 18 -0.18 -1.55 10.82
N TYR A 19 0.91 -2.11 10.28
CA TYR A 19 1.85 -1.36 9.46
C TYR A 19 2.53 -2.29 8.47
N ILE A 20 2.62 -1.85 7.22
CA ILE A 20 3.21 -2.66 6.16
C ILE A 20 4.49 -2.02 5.62
N SER A 21 5.35 -2.84 5.06
CA SER A 21 6.59 -2.37 4.48
C SER A 21 6.31 -1.57 3.21
N THR A 22 7.03 -0.46 3.06
CA THR A 22 6.92 0.41 1.90
C THR A 22 7.14 -0.36 0.60
N ASP A 23 7.98 -1.38 0.65
CA ASP A 23 8.27 -2.21 -0.51
C ASP A 23 7.03 -3.01 -0.92
N VAL A 24 6.28 -3.46 0.08
CA VAL A 24 5.08 -4.26 -0.15
C VAL A 24 4.03 -3.44 -0.89
N MET A 25 3.99 -2.14 -0.61
CA MET A 25 3.02 -1.27 -1.27
C MET A 25 3.27 -1.22 -2.78
N ARG A 26 4.53 -1.35 -3.18
CA ARG A 26 4.87 -1.40 -4.61
C ARG A 26 4.23 -2.62 -5.24
N GLU A 27 4.30 -3.75 -4.53
CA GLU A 27 3.70 -4.99 -5.00
C GLU A 27 2.20 -4.83 -5.18
N ILE A 28 1.56 -4.22 -4.17
CA ILE A 28 0.12 -4.02 -4.18
C ILE A 28 -0.31 -3.08 -5.32
N LEU A 29 0.42 -1.99 -5.49
CA LEU A 29 0.11 -1.01 -6.53
C LEU A 29 0.27 -1.62 -7.91
N ALA A 30 1.33 -2.41 -8.08
CA ALA A 30 1.60 -3.06 -9.36
C ALA A 30 0.61 -4.19 -9.63
N GLU A 31 -0.01 -4.67 -8.55
CA GLU A 31 -1.01 -5.72 -8.65
C GLU A 31 -2.35 -5.13 -9.04
N LEU A 32 -2.64 -3.95 -8.49
CA LEU A 32 -3.92 -3.28 -8.70
C LEU A 32 -3.98 -2.64 -10.08
N ASP A 33 -3.01 -1.78 -10.39
CA ASP A 33 -3.03 -1.04 -11.65
C ASP A 33 -2.63 -1.94 -12.81
N GLU A 34 -3.14 -1.59 -13.99
CA GLU A 34 -3.02 -2.42 -15.17
C GLU A 34 -1.64 -2.33 -15.82
N THR A 35 -0.99 -1.18 -15.76
CA THR A 35 0.25 -1.00 -16.49
C THR A 35 1.05 0.26 -16.05
N LEU A 36 1.29 0.39 -14.75
CA LEU A 36 2.21 1.41 -14.27
C LEU A 36 3.65 0.91 -14.38
N SER A 37 4.58 1.83 -14.58
CA SER A 37 5.98 1.48 -14.75
C SER A 37 6.70 1.48 -13.41
N SER A 38 7.96 1.02 -13.40
CA SER A 38 8.72 0.95 -12.16
C SER A 38 8.97 2.35 -11.61
N GLU A 39 9.24 3.31 -12.50
CA GLU A 39 9.50 4.69 -12.10
C GLU A 39 8.25 5.30 -11.49
N ASP A 40 7.08 4.93 -12.03
CA ASP A 40 5.80 5.38 -11.47
C ASP A 40 5.72 5.00 -10.01
N LEU A 41 5.99 3.72 -9.73
CA LEU A 41 5.97 3.21 -8.37
C LEU A 41 7.03 3.90 -7.52
N ASP A 42 8.24 3.98 -8.05
CA ASP A 42 9.36 4.61 -7.34
C ASP A 42 9.02 6.05 -6.95
N ALA A 43 8.47 6.79 -7.89
CA ALA A 43 8.09 8.18 -7.68
C ALA A 43 6.98 8.31 -6.65
N MET A 44 5.89 7.55 -6.86
CA MET A 44 4.75 7.61 -5.96
C MET A 44 5.13 7.20 -4.53
N ILE A 45 5.92 6.14 -4.41
CA ILE A 45 6.37 5.67 -3.11
C ILE A 45 7.28 6.72 -2.45
N ASP A 46 8.06 7.42 -3.26
CA ASP A 46 8.94 8.46 -2.74
C ASP A 46 8.15 9.58 -2.09
N GLU A 47 6.96 9.84 -2.62
CA GLU A 47 6.09 10.89 -2.09
C GLU A 47 5.43 10.43 -0.78
N ILE A 48 5.03 9.18 -0.75
CA ILE A 48 4.27 8.65 0.38
C ILE A 48 5.18 8.16 1.49
N ASP A 49 6.14 7.32 1.12
CA ASP A 49 6.92 6.56 2.08
C ASP A 49 5.99 5.76 2.98
N ALA A 50 5.99 6.09 4.25
CA ALA A 50 5.16 5.37 5.20
C ALA A 50 4.84 6.19 6.45
N ASP A 51 5.53 5.88 7.54
CA ASP A 51 5.24 6.48 8.84
C ASP A 51 6.47 6.41 9.73
N GLY A 52 7.04 5.22 9.86
CA GLY A 52 8.25 5.06 10.65
C GLY A 52 9.41 4.65 9.78
N SER A 53 10.00 3.50 10.08
CA SER A 53 11.10 2.97 9.29
C SER A 53 10.57 2.27 8.04
N GLY A 54 9.73 2.98 7.28
CA GLY A 54 9.15 2.39 6.09
C GLY A 54 7.97 1.51 6.43
N THR A 55 7.26 1.90 7.48
CA THR A 55 6.14 1.14 7.99
C THR A 55 4.84 1.90 7.76
N VAL A 56 4.12 1.55 6.71
CA VAL A 56 2.88 2.22 6.38
C VAL A 56 1.78 1.79 7.34
N ASP A 57 1.33 2.72 8.16
CA ASP A 57 0.36 2.39 9.19
C ASP A 57 -1.05 2.31 8.60
N PHE A 58 -1.99 1.81 9.39
CA PHE A 58 -3.36 1.62 8.92
C PHE A 58 -3.98 2.93 8.47
N GLU A 59 -3.73 4.01 9.20
CA GLU A 59 -4.39 5.29 8.92
C GLU A 59 -3.96 5.84 7.56
N GLU A 60 -2.65 5.86 7.31
CA GLU A 60 -2.15 6.29 6.01
C GLU A 60 -2.62 5.34 4.92
N PHE A 61 -2.55 4.04 5.19
CA PHE A 61 -3.04 3.02 4.26
C PHE A 61 -4.49 3.29 3.88
N MET A 62 -5.31 3.52 4.89
CA MET A 62 -6.74 3.74 4.70
C MET A 62 -7.00 4.99 3.87
N GLY A 63 -6.09 5.95 3.95
CA GLY A 63 -6.26 7.18 3.21
C GLY A 63 -5.69 7.13 1.81
N VAL A 64 -4.46 6.66 1.68
CA VAL A 64 -3.76 6.66 0.40
C VAL A 64 -4.38 5.66 -0.57
N MET A 65 -4.99 4.60 -0.04
CA MET A 65 -5.61 3.60 -0.89
C MET A 65 -7.13 3.73 -0.88
N THR A 66 -7.62 4.81 -1.49
CA THR A 66 -9.04 5.00 -1.66
C THR A 66 -9.35 5.56 -3.05
N GLY A 67 -8.65 6.65 -3.41
CA GLY A 67 -8.86 7.26 -4.70
C GLY A 67 -10.22 7.93 -4.79
N GLY A 68 -11.03 7.49 -5.75
CA GLY A 68 -12.36 8.03 -5.89
C GLY A 68 -13.41 6.94 -5.91
N ASP A 69 -13.02 5.74 -5.50
CA ASP A 69 -13.92 4.60 -5.45
C ASP A 69 -14.84 4.72 -4.24
N GLU A 70 -16.14 4.54 -4.47
CA GLU A 70 -17.16 4.67 -3.43
C GLU A 70 -17.22 6.12 -2.94
N MET A 1 -15.82 -9.77 9.86
CA MET A 1 -14.58 -9.82 9.06
C MET A 1 -14.68 -8.85 7.90
N GLN A 2 -13.55 -8.26 7.52
CA GLN A 2 -13.54 -7.23 6.49
C GLN A 2 -13.13 -7.80 5.14
N GLN A 3 -13.98 -7.60 4.14
CA GLN A 3 -13.69 -8.03 2.79
C GLN A 3 -13.39 -6.82 1.91
N GLU A 4 -13.09 -5.71 2.57
CA GLU A 4 -12.68 -4.49 1.91
C GLU A 4 -11.20 -4.63 1.48
N LEU A 5 -10.61 -3.59 0.89
CA LEU A 5 -9.19 -3.63 0.52
C LEU A 5 -8.30 -4.04 1.70
N ARG A 6 -8.85 -3.92 2.90
CA ARG A 6 -8.21 -4.39 4.13
C ARG A 6 -7.78 -5.85 4.00
N GLU A 7 -8.43 -6.60 3.10
CA GLU A 7 -8.10 -7.98 2.86
C GLU A 7 -6.63 -8.13 2.47
N ALA A 8 -6.18 -7.31 1.53
CA ALA A 8 -4.80 -7.39 1.04
C ALA A 8 -3.82 -7.07 2.16
N PHE A 9 -4.22 -6.17 3.06
CA PHE A 9 -3.38 -5.79 4.18
C PHE A 9 -3.18 -6.97 5.13
N ARG A 10 -4.28 -7.66 5.44
CA ARG A 10 -4.25 -8.79 6.36
C ARG A 10 -3.78 -10.06 5.66
N LEU A 11 -3.70 -10.04 4.33
CA LEU A 11 -3.14 -11.15 3.57
C LEU A 11 -1.63 -11.09 3.58
N TYR A 12 -1.09 -9.90 3.31
CA TYR A 12 0.36 -9.71 3.30
C TYR A 12 0.92 -9.81 4.71
N ASP A 13 0.33 -9.10 5.65
CA ASP A 13 0.70 -9.24 7.05
C ASP A 13 -0.50 -9.71 7.85
N LYS A 14 -0.57 -11.01 8.05
CA LYS A 14 -1.72 -11.64 8.66
C LYS A 14 -1.75 -11.46 10.18
N GLU A 15 -0.59 -11.30 10.79
CA GLU A 15 -0.48 -11.39 12.23
C GLU A 15 -0.66 -10.02 12.90
N GLY A 16 -1.68 -9.28 12.47
CA GLY A 16 -2.02 -8.03 13.14
C GLY A 16 -1.92 -6.84 12.22
N ASN A 17 -1.54 -5.71 12.79
CA ASN A 17 -1.37 -4.48 12.03
C ASN A 17 0.02 -4.45 11.42
N GLY A 18 0.13 -4.90 10.20
CA GLY A 18 1.43 -5.02 9.58
C GLY A 18 1.95 -3.73 9.02
N TYR A 19 2.88 -3.12 9.73
CA TYR A 19 3.61 -1.97 9.21
C TYR A 19 4.60 -2.46 8.15
N ILE A 20 4.05 -2.78 7.00
CA ILE A 20 4.79 -3.44 5.94
C ILE A 20 5.83 -2.54 5.31
N SER A 21 6.97 -3.12 5.01
CA SER A 21 8.01 -2.45 4.27
C SER A 21 7.47 -2.05 2.91
N THR A 22 7.72 -0.81 2.53
CA THR A 22 7.10 -0.23 1.36
C THR A 22 7.53 -0.91 0.06
N ASP A 23 8.64 -1.64 0.10
CA ASP A 23 9.04 -2.48 -1.01
C ASP A 23 7.93 -3.48 -1.33
N VAL A 24 7.35 -4.04 -0.28
CA VAL A 24 6.27 -5.01 -0.41
C VAL A 24 5.00 -4.32 -0.89
N MET A 25 4.78 -3.10 -0.39
CA MET A 25 3.59 -2.33 -0.75
C MET A 25 3.59 -1.97 -2.23
N ARG A 26 4.77 -1.69 -2.78
CA ARG A 26 4.88 -1.36 -4.19
C ARG A 26 4.39 -2.50 -5.08
N GLU A 27 4.49 -3.73 -4.57
CA GLU A 27 3.96 -4.90 -5.26
C GLU A 27 2.44 -4.87 -5.23
N ILE A 28 1.89 -4.64 -4.04
CA ILE A 28 0.44 -4.59 -3.84
C ILE A 28 -0.21 -3.62 -4.81
N LEU A 29 0.31 -2.40 -4.85
CA LEU A 29 -0.15 -1.40 -5.80
C LEU A 29 -0.06 -1.90 -7.25
N ALA A 30 1.11 -2.38 -7.65
CA ALA A 30 1.35 -2.76 -9.04
C ALA A 30 0.43 -3.89 -9.51
N GLU A 31 -0.12 -4.62 -8.57
CA GLU A 31 -1.01 -5.74 -8.86
C GLU A 31 -2.39 -5.25 -9.35
N LEU A 32 -2.71 -3.99 -9.11
CA LEU A 32 -4.08 -3.52 -9.30
C LEU A 32 -4.33 -2.88 -10.66
N ASP A 33 -3.69 -1.75 -10.94
CA ASP A 33 -4.16 -0.88 -12.01
C ASP A 33 -3.57 -1.24 -13.37
N GLU A 34 -3.78 -0.36 -14.33
CA GLU A 34 -3.37 -0.59 -15.71
C GLU A 34 -3.29 0.73 -16.49
N THR A 35 -2.33 1.59 -16.15
CA THR A 35 -2.20 2.88 -16.83
C THR A 35 -0.99 3.71 -16.36
N LEU A 36 -0.34 3.30 -15.30
CA LEU A 36 0.73 4.10 -14.74
C LEU A 36 1.97 3.26 -14.51
N SER A 37 3.12 3.91 -14.36
CA SER A 37 4.39 3.20 -14.32
C SER A 37 5.00 3.23 -12.92
N SER A 38 6.10 2.52 -12.75
CA SER A 38 6.73 2.39 -11.45
C SER A 38 7.16 3.76 -10.89
N GLU A 39 7.47 4.70 -11.78
CA GLU A 39 7.86 6.04 -11.36
C GLU A 39 6.72 6.76 -10.64
N ASP A 40 5.49 6.37 -10.90
CA ASP A 40 4.34 6.92 -10.19
C ASP A 40 4.37 6.45 -8.74
N LEU A 41 4.61 5.16 -8.56
CA LEU A 41 4.80 4.60 -7.23
C LEU A 41 6.02 5.21 -6.57
N ASP A 42 7.05 5.47 -7.37
CA ASP A 42 8.28 6.07 -6.89
C ASP A 42 8.01 7.43 -6.25
N ALA A 43 7.09 8.19 -6.85
CA ALA A 43 6.73 9.51 -6.33
C ALA A 43 5.89 9.40 -5.07
N MET A 44 4.99 8.43 -5.04
CA MET A 44 4.11 8.22 -3.89
C MET A 44 4.85 7.59 -2.73
N ILE A 45 5.48 6.44 -2.99
CA ILE A 45 6.18 5.69 -1.96
C ILE A 45 7.54 6.33 -1.69
N ASP A 46 7.51 7.55 -1.20
CA ASP A 46 8.71 8.30 -0.90
C ASP A 46 8.42 9.27 0.24
N GLU A 47 7.28 9.94 0.13
CA GLU A 47 6.84 10.89 1.16
C GLU A 47 5.69 10.31 1.96
N ILE A 48 5.18 9.17 1.51
CA ILE A 48 4.03 8.53 2.11
C ILE A 48 4.47 7.66 3.29
N ASP A 49 5.70 7.19 3.21
CA ASP A 49 6.21 6.19 4.13
C ASP A 49 7.28 6.74 5.04
N ALA A 50 7.34 8.05 5.13
CA ALA A 50 8.34 8.71 5.96
C ALA A 50 7.89 8.73 7.42
N ASP A 51 7.32 7.62 7.88
CA ASP A 51 6.79 7.53 9.23
C ASP A 51 7.69 6.67 10.11
N GLY A 52 8.58 5.93 9.48
CA GLY A 52 9.49 5.08 10.23
C GLY A 52 10.39 4.30 9.32
N SER A 53 11.09 5.01 8.45
CA SER A 53 11.98 4.40 7.47
C SER A 53 11.22 3.37 6.62
N GLY A 54 10.26 3.86 5.84
CA GLY A 54 9.51 3.01 4.96
C GLY A 54 8.50 2.13 5.66
N THR A 55 7.47 2.74 6.24
CA THR A 55 6.38 1.97 6.81
C THR A 55 5.06 2.66 6.54
N VAL A 56 4.11 1.90 6.04
CA VAL A 56 2.78 2.41 5.80
C VAL A 56 1.76 1.51 6.51
N ASP A 57 0.88 2.11 7.29
CA ASP A 57 -0.12 1.35 8.01
C ASP A 57 -1.51 1.55 7.41
N PHE A 58 -2.54 1.16 8.15
CA PHE A 58 -3.91 1.22 7.68
C PHE A 58 -4.36 2.65 7.39
N GLU A 59 -5.50 2.77 6.70
CA GLU A 59 -6.07 4.06 6.29
C GLU A 59 -5.25 4.69 5.17
N GLU A 60 -3.94 4.79 5.36
CA GLU A 60 -3.04 5.23 4.29
C GLU A 60 -3.03 4.19 3.19
N PHE A 61 -3.12 2.93 3.60
CA PHE A 61 -3.21 1.81 2.67
C PHE A 61 -4.61 1.75 2.06
N MET A 62 -4.89 2.64 1.12
CA MET A 62 -6.11 2.60 0.33
C MET A 62 -6.05 3.64 -0.77
N GLY A 63 -5.76 4.89 -0.39
CA GLY A 63 -5.61 5.95 -1.37
C GLY A 63 -4.37 5.75 -2.21
N VAL A 64 -3.32 5.24 -1.60
CA VAL A 64 -2.09 4.91 -2.31
C VAL A 64 -2.31 3.67 -3.17
N MET A 65 -3.02 2.69 -2.61
CA MET A 65 -3.37 1.47 -3.34
C MET A 65 -4.26 1.83 -4.53
N THR A 66 -4.20 1.01 -5.59
CA THR A 66 -4.94 1.23 -6.85
C THR A 66 -4.37 2.40 -7.64
N GLY A 67 -3.64 3.28 -6.95
CA GLY A 67 -2.94 4.34 -7.63
C GLY A 67 -1.56 3.88 -8.06
N GLY A 68 -1.33 2.57 -7.94
CA GLY A 68 -0.06 2.00 -8.35
C GLY A 68 -0.24 0.96 -9.43
N ASP A 69 0.81 0.76 -10.21
CA ASP A 69 0.78 -0.15 -11.36
C ASP A 69 2.20 -0.28 -11.90
N GLU A 70 2.51 -1.42 -12.50
CA GLU A 70 3.89 -1.72 -12.88
C GLU A 70 4.39 -0.81 -14.01
#